data_8K44
#
_entry.id   8K44
#
_cell.length_a   1.00
_cell.length_b   1.00
_cell.length_c   1.00
_cell.angle_alpha   90.00
_cell.angle_beta   90.00
_cell.angle_gamma   90.00
#
_symmetry.space_group_name_H-M   'P 1'
#
_entity_poly.entity_id   1
_entity_poly.type   'polypeptide(L)'
_entity_poly.pdbx_seq_one_letter_code
;MLSETELRALKKLSTTTSRVVGDSTLALPSNVKLSKGEVEKIAVTKKEMFDELAQCNLPTIELITREHTFNGDVIRFAAW
LFLMNGQKLMIANNVAVRMGMQYATNLAGNNVKITYVTSNNVVKLGHIAAGVLANPYSNKGSGLFITYEYNLISNLIETG
KVCVLFITSLSTTASSTNSFAYSTCSVPIENWDFNMIKLTAETSCASLTAMTNLVNSLVPGERTRPVGLYVDIPGVTVTT
SASSGSLPLTTIPAVTPLIFSAYTKQVEEVGVINTLYALSYLP
;
_entity_poly.pdbx_strand_id   A,B,C
#
# COMPACT_ATOMS: atom_id res chain seq x y z
N GLU A 4 -52.69 9.30 -23.68
CA GLU A 4 -51.69 10.31 -24.00
C GLU A 4 -50.70 10.50 -22.85
N THR A 5 -51.18 11.00 -21.71
CA THR A 5 -50.29 11.20 -20.57
C THR A 5 -50.00 9.89 -19.86
N GLU A 6 -50.87 8.89 -20.05
CA GLU A 6 -50.63 7.58 -19.45
C GLU A 6 -49.34 6.96 -19.98
N LEU A 7 -49.10 7.07 -21.28
CA LEU A 7 -47.81 6.67 -21.82
C LEU A 7 -46.69 7.53 -21.25
N ARG A 8 -46.91 8.84 -21.14
CA ARG A 8 -45.88 9.74 -20.66
C ARG A 8 -45.40 9.37 -19.27
N ALA A 9 -46.33 9.23 -18.33
CA ALA A 9 -45.95 8.91 -16.95
C ALA A 9 -45.34 7.52 -16.85
N LEU A 10 -45.95 6.53 -17.52
CA LEU A 10 -45.46 5.17 -17.39
C LEU A 10 -44.05 5.03 -17.93
N LYS A 11 -43.70 5.81 -18.95
CA LYS A 11 -42.33 5.79 -19.46
C LYS A 11 -41.36 6.31 -18.41
N LYS A 12 -41.63 7.48 -17.83
CA LYS A 12 -40.77 8.02 -16.79
C LYS A 12 -40.82 7.15 -15.53
N LEU A 13 -41.96 6.53 -15.26
CA LEU A 13 -42.07 5.62 -14.13
C LEU A 13 -41.04 4.51 -14.22
N SER A 14 -40.88 3.94 -15.41
CA SER A 14 -39.84 2.93 -15.61
C SER A 14 -38.47 3.57 -15.74
N THR A 15 -38.39 4.75 -16.36
CA THR A 15 -37.10 5.32 -16.72
C THR A 15 -36.24 5.63 -15.50
N THR A 16 -36.84 6.15 -14.44
CA THR A 16 -36.10 6.50 -13.24
C THR A 16 -36.61 5.68 -12.07
N THR A 17 -35.96 5.84 -10.92
CA THR A 17 -36.26 5.08 -9.72
C THR A 17 -36.96 5.96 -8.70
N SER A 18 -38.11 5.49 -8.21
CA SER A 18 -38.80 6.20 -7.14
C SER A 18 -38.13 5.98 -5.79
N ARG A 19 -37.54 4.80 -5.60
CA ARG A 19 -36.92 4.46 -4.33
C ARG A 19 -35.72 5.36 -4.04
N VAL A 20 -35.53 5.70 -2.78
CA VAL A 20 -34.41 6.53 -2.36
C VAL A 20 -33.32 5.64 -1.76
N VAL A 21 -32.12 6.20 -1.67
CA VAL A 21 -30.98 5.46 -1.13
C VAL A 21 -31.19 5.23 0.36
N GLY A 22 -30.59 4.17 0.87
CA GLY A 22 -30.69 3.87 2.29
C GLY A 22 -30.04 2.54 2.60
N ASP A 23 -30.35 2.03 3.80
CA ASP A 23 -29.89 0.69 4.17
C ASP A 23 -30.50 -0.37 3.27
N SER A 24 -31.78 -0.23 2.93
CA SER A 24 -32.46 -1.21 2.10
C SER A 24 -31.80 -1.32 0.73
N THR A 25 -31.09 -0.27 0.31
CA THR A 25 -30.37 -0.31 -0.95
C THR A 25 -29.39 -1.47 -0.97
N LEU A 26 -28.76 -1.76 0.16
CA LEU A 26 -27.88 -2.92 0.23
C LEU A 26 -28.67 -4.21 0.07
N ALA A 27 -29.88 -4.26 0.60
CA ALA A 27 -30.67 -5.48 0.65
C ALA A 27 -31.58 -5.65 -0.57
N LEU A 28 -31.47 -4.80 -1.57
CA LEU A 28 -32.30 -4.94 -2.75
C LEU A 28 -31.95 -6.22 -3.50
N PRO A 29 -32.92 -6.83 -4.18
CA PRO A 29 -32.66 -8.08 -4.90
C PRO A 29 -31.60 -7.89 -5.98
N SER A 30 -30.80 -8.93 -6.18
CA SER A 30 -29.72 -8.87 -7.16
C SER A 30 -30.28 -8.66 -8.56
N ASN A 31 -31.40 -9.31 -8.88
CA ASN A 31 -31.95 -9.20 -10.22
C ASN A 31 -32.58 -7.82 -10.46
N VAL A 32 -32.82 -7.07 -9.39
CA VAL A 32 -33.50 -5.78 -9.53
C VAL A 32 -32.59 -4.80 -10.26
N LYS A 33 -33.19 -3.78 -10.85
CA LYS A 33 -32.42 -2.69 -11.41
C LYS A 33 -32.29 -1.56 -10.39
N LEU A 34 -31.32 -0.68 -10.64
CA LEU A 34 -30.86 0.28 -9.64
C LEU A 34 -30.69 1.67 -10.25
N SER A 35 -30.68 2.68 -9.38
CA SER A 35 -30.43 4.06 -9.77
C SER A 35 -28.98 4.44 -9.48
N LYS A 36 -28.62 5.65 -9.92
CA LYS A 36 -27.25 6.13 -9.73
C LYS A 36 -26.89 6.26 -8.26
N GLY A 37 -27.81 6.78 -7.46
CA GLY A 37 -27.55 6.88 -6.03
C GLY A 37 -27.30 5.53 -5.41
N GLU A 38 -28.01 4.50 -5.89
CA GLU A 38 -27.75 3.14 -5.42
C GLU A 38 -26.35 2.68 -5.80
N VAL A 39 -25.96 2.90 -7.05
CA VAL A 39 -24.64 2.50 -7.51
C VAL A 39 -23.57 3.34 -6.82
N GLU A 40 -23.87 4.62 -6.56
CA GLU A 40 -22.92 5.44 -5.83
C GLU A 40 -22.65 4.87 -4.44
N LYS A 41 -23.58 4.08 -3.91
CA LYS A 41 -23.36 3.45 -2.61
C LYS A 41 -22.68 2.09 -2.76
N ILE A 42 -23.19 1.26 -3.67
CA ILE A 42 -22.75 -0.13 -3.73
C ILE A 42 -21.27 -0.25 -4.08
N ALA A 43 -20.82 0.51 -5.07
CA ALA A 43 -19.46 0.40 -5.58
C ALA A 43 -18.65 1.62 -5.21
N VAL A 44 -17.36 1.42 -4.95
CA VAL A 44 -16.47 2.55 -4.74
C VAL A 44 -16.33 3.35 -6.02
N THR A 45 -16.41 4.66 -5.90
CA THR A 45 -16.51 5.53 -7.07
C THR A 45 -15.13 5.99 -7.54
N LYS A 46 -15.10 6.51 -8.76
CA LYS A 46 -13.92 7.22 -9.21
C LYS A 46 -13.64 8.43 -8.33
N LYS A 47 -14.69 9.18 -7.96
CA LYS A 47 -14.50 10.35 -7.13
C LYS A 47 -13.93 9.97 -5.76
N GLU A 48 -14.47 8.91 -5.14
CA GLU A 48 -14.01 8.52 -3.82
C GLU A 48 -12.54 8.14 -3.84
N MET A 49 -12.12 7.37 -4.85
CA MET A 49 -10.70 7.10 -5.02
C MET A 49 -9.93 8.39 -5.30
N PHE A 50 -10.51 9.26 -6.12
CA PHE A 50 -9.92 10.57 -6.38
C PHE A 50 -9.97 11.44 -5.13
N ASP A 51 -10.92 11.17 -4.24
CA ASP A 51 -11.14 12.06 -3.10
C ASP A 51 -9.99 12.00 -2.10
N GLU A 52 -9.17 10.94 -2.16
CA GLU A 52 -8.09 10.80 -1.20
C GLU A 52 -7.10 11.95 -1.30
N LEU A 53 -6.74 12.33 -2.52
CA LEU A 53 -5.75 13.37 -2.73
C LEU A 53 -6.36 14.75 -2.96
N ALA A 54 -7.67 14.89 -2.85
CA ALA A 54 -8.32 16.16 -3.09
C ALA A 54 -8.05 17.13 -1.94
N GLN A 55 -7.69 18.37 -2.30
CA GLN A 55 -7.48 19.43 -1.33
C GLN A 55 -8.19 20.69 -1.79
N CYS A 56 -8.78 21.41 -0.84
CA CYS A 56 -9.46 22.67 -1.10
C CYS A 56 -10.58 22.51 -2.13
N ASN A 57 -11.10 21.29 -2.26
CA ASN A 57 -12.18 20.99 -3.20
C ASN A 57 -11.82 21.39 -4.62
N LEU A 58 -10.53 21.33 -4.92
CA LEU A 58 -10.06 21.72 -6.23
C LEU A 58 -10.51 20.73 -7.30
N PRO A 59 -10.67 21.19 -8.54
CA PRO A 59 -11.10 20.27 -9.61
C PRO A 59 -10.13 19.12 -9.83
N THR A 60 -8.84 19.33 -9.66
CA THR A 60 -7.85 18.28 -9.88
C THR A 60 -6.89 18.21 -8.69
N ILE A 61 -6.19 17.09 -8.60
CA ILE A 61 -5.18 16.93 -7.55
C ILE A 61 -4.00 17.84 -7.85
N GLU A 62 -3.15 18.02 -6.84
CA GLU A 62 -1.98 18.87 -6.99
C GLU A 62 -1.05 18.30 -8.06
N LEU A 63 -0.42 19.21 -8.82
CA LEU A 63 0.44 18.79 -9.92
C LEU A 63 1.61 17.94 -9.45
N ILE A 64 2.31 18.40 -8.40
CA ILE A 64 3.53 17.70 -7.99
C ILE A 64 3.20 16.33 -7.44
N THR A 65 2.06 16.19 -6.77
CA THR A 65 1.59 14.88 -6.35
C THR A 65 1.12 14.08 -7.55
N ARG A 66 0.56 14.75 -8.55
CA ARG A 66 0.08 14.06 -9.74
C ARG A 66 1.22 13.43 -10.51
N GLU A 67 2.42 14.01 -10.42
CA GLU A 67 3.51 13.55 -11.27
C GLU A 67 4.00 12.16 -10.88
N HIS A 68 4.23 11.94 -9.59
CA HIS A 68 4.88 10.71 -9.14
C HIS A 68 3.91 9.68 -8.59
N THR A 69 2.61 9.93 -8.67
CA THR A 69 1.60 8.97 -8.22
C THR A 69 0.85 8.34 -9.38
N PHE A 70 1.49 8.22 -10.54
CA PHE A 70 0.87 7.67 -11.73
C PHE A 70 -0.44 8.40 -12.06
N ASN A 71 -0.41 9.72 -11.91
CA ASN A 71 -1.57 10.57 -12.18
C ASN A 71 -2.79 10.11 -11.39
N GLY A 72 -2.57 9.77 -10.12
CA GLY A 72 -3.64 9.51 -9.19
C GLY A 72 -4.03 8.06 -9.00
N ASP A 73 -3.30 7.11 -9.58
CA ASP A 73 -3.60 5.70 -9.38
C ASP A 73 -3.12 5.29 -8.00
N VAL A 74 -3.86 5.74 -6.99
CA VAL A 74 -3.48 5.47 -5.61
C VAL A 74 -3.49 3.97 -5.34
N ILE A 75 -4.41 3.24 -5.97
CA ILE A 75 -4.44 1.79 -5.84
C ILE A 75 -3.13 1.19 -6.31
N ARG A 76 -2.59 1.70 -7.43
CA ARG A 76 -1.31 1.23 -7.92
C ARG A 76 -0.16 1.76 -7.08
N PHE A 77 -0.23 3.03 -6.70
CA PHE A 77 0.91 3.70 -6.08
C PHE A 77 1.32 3.01 -4.79
N ALA A 78 0.36 2.56 -3.99
CA ALA A 78 0.69 2.00 -2.69
C ALA A 78 1.54 0.75 -2.82
N ALA A 79 1.08 -0.21 -3.61
CA ALA A 79 1.79 -1.48 -3.72
C ALA A 79 3.17 -1.29 -4.35
N TRP A 80 3.25 -0.43 -5.37
CA TRP A 80 4.52 -0.23 -6.06
C TRP A 80 5.55 0.40 -5.14
N LEU A 81 5.10 1.17 -4.15
CA LEU A 81 6.03 1.96 -3.36
C LEU A 81 6.94 1.08 -2.52
N PHE A 82 6.37 0.14 -1.77
CA PHE A 82 7.19 -0.66 -0.88
C PHE A 82 8.15 -1.55 -1.64
N LEU A 83 7.69 -2.17 -2.73
CA LEU A 83 8.60 -2.99 -3.52
C LEU A 83 9.75 -2.16 -4.06
N MET A 84 9.50 -0.90 -4.37
CA MET A 84 10.56 -0.03 -4.83
C MET A 84 11.55 0.29 -3.72
N ASN A 85 11.05 0.53 -2.50
CA ASN A 85 11.90 0.97 -1.41
C ASN A 85 11.58 0.19 -0.15
N GLY A 86 12.60 -0.42 0.46
CA GLY A 86 12.45 -1.03 1.75
C GLY A 86 12.29 -2.53 1.75
N GLN A 87 12.35 -3.18 0.60
CA GLN A 87 12.28 -4.64 0.56
C GLN A 87 13.44 -5.22 1.36
N LYS A 88 13.13 -6.22 2.20
CA LYS A 88 14.16 -6.77 3.07
C LYS A 88 15.25 -7.47 2.28
N LEU A 89 14.87 -8.24 1.25
CA LEU A 89 15.85 -9.05 0.54
C LEU A 89 16.47 -8.32 -0.63
N MET A 90 15.87 -7.20 -1.05
CA MET A 90 16.41 -6.47 -2.18
C MET A 90 17.75 -5.83 -1.82
N ILE A 91 18.68 -5.86 -2.77
CA ILE A 91 20.04 -5.38 -2.54
C ILE A 91 20.15 -3.94 -2.96
N ALA A 92 20.75 -3.12 -2.09
CA ALA A 92 21.04 -1.70 -2.37
C ALA A 92 19.72 -1.03 -2.73
N ASN A 93 19.66 -0.25 -3.81
CA ASN A 93 18.42 0.38 -4.23
C ASN A 93 18.14 -0.01 -5.67
N ASN A 94 17.09 -0.80 -5.86
CA ASN A 94 16.62 -1.09 -7.21
C ASN A 94 16.11 0.19 -7.85
N VAL A 95 16.35 0.33 -9.15
CA VAL A 95 16.07 1.56 -9.87
C VAL A 95 14.94 1.30 -10.85
N ALA A 96 13.86 2.08 -10.73
CA ALA A 96 12.78 2.07 -11.69
C ALA A 96 12.54 3.50 -12.15
N VAL A 97 12.62 3.72 -13.46
CA VAL A 97 12.45 5.05 -14.03
C VAL A 97 11.00 5.19 -14.45
N ARG A 98 10.24 5.98 -13.69
CA ARG A 98 8.83 6.17 -13.98
C ARG A 98 8.65 7.28 -15.01
N MET A 99 7.79 7.03 -15.99
CA MET A 99 7.55 8.01 -17.05
C MET A 99 6.87 9.25 -16.49
N GLY A 100 7.09 10.37 -17.17
CA GLY A 100 6.45 11.62 -16.82
C GLY A 100 7.04 12.33 -15.63
N MET A 101 8.18 11.89 -15.11
CA MET A 101 8.76 12.44 -13.90
C MET A 101 10.08 13.12 -14.24
N GLN A 102 10.44 14.14 -13.43
CA GLN A 102 11.67 14.87 -13.67
C GLN A 102 12.89 14.12 -13.13
N TYR A 103 12.76 13.53 -11.94
CA TYR A 103 13.90 12.91 -11.27
C TYR A 103 13.58 11.47 -10.91
N ALA A 104 14.62 10.64 -10.83
CA ALA A 104 14.51 9.27 -10.36
C ALA A 104 15.79 8.88 -9.64
N THR A 105 15.65 8.13 -8.57
CA THR A 105 16.81 7.72 -7.78
C THR A 105 17.66 6.72 -8.55
N ASN A 106 18.96 6.75 -8.31
CA ASN A 106 19.89 5.79 -8.90
C ASN A 106 20.18 4.69 -7.87
N LEU A 107 21.13 3.81 -8.20
CA LEU A 107 21.44 2.69 -7.32
C LEU A 107 21.94 3.17 -5.96
N ALA A 108 22.81 4.18 -5.95
CA ALA A 108 23.34 4.67 -4.69
C ALA A 108 22.25 5.33 -3.85
N GLY A 109 21.21 5.84 -4.49
CA GLY A 109 20.15 6.55 -3.82
C GLY A 109 20.12 8.04 -4.09
N ASN A 110 21.05 8.55 -4.87
CA ASN A 110 21.05 9.98 -5.20
C ASN A 110 20.17 10.22 -6.41
N ASN A 111 19.12 11.03 -6.23
CA ASN A 111 18.18 11.29 -7.31
C ASN A 111 18.77 12.25 -8.33
N VAL A 112 18.63 11.90 -9.61
CA VAL A 112 19.27 12.64 -10.69
C VAL A 112 18.23 12.96 -11.76
N LYS A 113 18.56 13.96 -12.58
CA LYS A 113 17.69 14.33 -13.69
C LYS A 113 17.67 13.23 -14.74
N ILE A 114 16.54 13.08 -15.42
CA ILE A 114 16.32 11.99 -16.36
C ILE A 114 16.38 12.54 -17.77
N THR A 115 17.10 11.85 -18.65
CA THR A 115 17.15 12.18 -20.06
C THR A 115 16.00 11.47 -20.77
N TYR A 116 14.94 12.21 -21.09
CA TYR A 116 13.75 11.64 -21.69
C TYR A 116 13.97 11.48 -23.19
N VAL A 117 14.14 10.23 -23.63
CA VAL A 117 14.31 9.96 -25.05
C VAL A 117 13.00 10.21 -25.78
N THR A 118 13.09 10.93 -26.90
CA THR A 118 11.92 11.29 -27.70
C THR A 118 12.05 10.69 -29.08
N SER A 119 11.05 9.92 -29.50
CA SER A 119 11.05 9.27 -30.80
C SER A 119 9.85 9.73 -31.60
N ASN A 120 10.13 10.25 -32.80
CA ASN A 120 9.10 10.82 -33.67
C ASN A 120 8.28 11.89 -32.94
N ASN A 121 8.97 12.79 -32.25
CA ASN A 121 8.34 13.86 -31.47
C ASN A 121 7.43 13.30 -30.37
N VAL A 122 7.68 12.04 -29.97
CA VAL A 122 6.94 11.41 -28.89
C VAL A 122 7.95 10.74 -27.96
N VAL A 123 7.84 11.01 -26.67
CA VAL A 123 8.76 10.42 -25.70
C VAL A 123 8.43 8.94 -25.53
N LYS A 124 9.45 8.14 -25.30
CA LYS A 124 9.28 6.70 -25.11
C LYS A 124 9.81 6.21 -23.77
N LEU A 125 11.01 6.63 -23.39
CA LEU A 125 11.60 6.16 -22.14
C LEU A 125 12.63 7.17 -21.66
N GLY A 126 13.04 7.00 -20.41
CA GLY A 126 14.08 7.84 -19.83
C GLY A 126 15.09 6.99 -19.08
N HIS A 127 16.32 7.49 -19.05
CA HIS A 127 17.42 6.78 -18.41
C HIS A 127 18.25 7.76 -17.59
N ILE A 128 18.97 7.23 -16.61
CA ILE A 128 19.76 8.03 -15.70
C ILE A 128 21.09 7.35 -15.44
N ALA A 129 22.03 8.12 -14.87
CA ALA A 129 23.32 7.56 -14.51
C ALA A 129 23.17 6.54 -13.39
N ALA A 130 23.88 5.43 -13.51
CA ALA A 130 23.72 4.33 -12.56
C ALA A 130 24.16 4.74 -11.15
N GLY A 131 25.27 5.45 -11.05
CA GLY A 131 25.82 5.76 -9.76
C GLY A 131 26.64 4.59 -9.22
N VAL A 132 27.19 4.79 -8.04
CA VAL A 132 28.07 3.81 -7.41
C VAL A 132 27.21 2.83 -6.64
N LEU A 133 27.31 1.55 -6.98
CA LEU A 133 26.55 0.52 -6.30
C LEU A 133 27.01 0.39 -4.85
N ALA A 134 26.05 0.25 -3.94
CA ALA A 134 26.40 0.13 -2.52
C ALA A 134 27.18 -1.16 -2.26
N ASN A 135 26.74 -2.27 -2.85
CA ASN A 135 27.38 -3.55 -2.63
C ASN A 135 27.08 -4.49 -3.79
N PRO A 136 28.05 -5.27 -4.26
CA PRO A 136 27.79 -6.21 -5.35
C PRO A 136 26.81 -7.30 -4.93
N TYR A 137 26.08 -7.81 -5.92
CA TYR A 137 25.10 -8.85 -5.68
C TYR A 137 25.78 -10.19 -5.48
N SER A 138 25.71 -10.74 -4.27
CA SER A 138 26.37 -11.99 -3.95
C SER A 138 25.42 -12.90 -3.16
N ASN A 139 24.64 -13.70 -3.88
CA ASN A 139 23.84 -14.77 -3.30
C ASN A 139 23.16 -15.53 -4.42
N LYS A 140 22.44 -16.58 -4.03
CA LYS A 140 21.67 -17.39 -4.98
C LYS A 140 20.35 -16.69 -5.23
N GLY A 141 20.39 -15.70 -6.13
CA GLY A 141 19.23 -14.89 -6.41
C GLY A 141 19.10 -14.60 -7.89
N SER A 142 17.96 -14.00 -8.24
CA SER A 142 17.64 -13.65 -9.61
C SER A 142 17.32 -12.17 -9.69
N GLY A 143 17.53 -11.59 -10.87
CA GLY A 143 17.28 -10.17 -11.06
C GLY A 143 16.96 -9.86 -12.51
N LEU A 144 16.30 -8.73 -12.71
CA LEU A 144 15.97 -8.22 -14.04
C LEU A 144 16.71 -6.90 -14.26
N PHE A 145 17.27 -6.73 -15.43
CA PHE A 145 18.06 -5.55 -15.76
C PHE A 145 17.66 -5.01 -17.12
N ILE A 146 17.42 -3.72 -17.18
CA ILE A 146 17.14 -3.02 -18.44
C ILE A 146 18.04 -1.81 -18.54
N THR A 147 18.79 -1.73 -19.63
CA THR A 147 19.77 -0.68 -19.83
C THR A 147 19.62 -0.07 -21.22
N TYR A 148 20.14 1.13 -21.38
CA TYR A 148 20.01 1.90 -22.61
C TYR A 148 21.36 2.00 -23.29
N GLU A 149 21.40 1.68 -24.59
CA GLU A 149 22.60 1.84 -25.42
C GLU A 149 23.79 1.08 -24.85
N TYR A 150 23.55 -0.10 -24.28
CA TYR A 150 24.62 -0.84 -23.63
C TYR A 150 24.22 -2.29 -23.48
N ASN A 151 25.22 -3.17 -23.42
CA ASN A 151 25.02 -4.59 -23.19
C ASN A 151 25.91 -5.01 -22.03
N LEU A 152 25.28 -5.32 -20.88
CA LEU A 152 26.05 -5.70 -19.70
C LEU A 152 26.80 -7.02 -19.93
N ILE A 153 26.27 -7.88 -20.79
CA ILE A 153 26.96 -9.15 -21.07
C ILE A 153 28.27 -8.89 -21.78
N SER A 154 28.24 -8.07 -22.84
CA SER A 154 29.42 -7.83 -23.66
C SER A 154 30.15 -6.54 -23.29
N ASN A 155 29.55 -5.69 -22.46
CA ASN A 155 30.13 -4.39 -22.12
C ASN A 155 30.45 -3.59 -23.38
N LEU A 156 29.57 -3.69 -24.37
CA LEU A 156 29.73 -3.02 -25.65
C LEU A 156 28.60 -2.02 -25.83
N ILE A 157 28.96 -0.79 -26.19
CA ILE A 157 27.97 0.27 -26.33
C ILE A 157 27.09 -0.02 -27.54
N GLU A 158 25.82 0.40 -27.44
CA GLU A 158 24.87 0.28 -28.53
C GLU A 158 24.38 1.67 -28.93
N THR A 159 23.84 1.77 -30.13
CA THR A 159 23.22 2.99 -30.62
C THR A 159 21.83 2.67 -31.15
N GLY A 160 20.84 3.39 -30.66
CA GLY A 160 19.46 3.12 -31.06
C GLY A 160 19.00 1.73 -30.70
N LYS A 161 19.53 1.18 -29.61
CA LYS A 161 19.23 -0.17 -29.17
C LYS A 161 19.07 -0.18 -27.66
N VAL A 162 18.06 -0.89 -27.17
CA VAL A 162 17.83 -1.06 -25.75
C VAL A 162 17.94 -2.54 -25.44
N CYS A 163 18.81 -2.90 -24.51
CA CYS A 163 19.10 -4.29 -24.18
C CYS A 163 18.45 -4.65 -22.86
N VAL A 164 17.78 -5.80 -22.83
CA VAL A 164 17.13 -6.32 -21.64
C VAL A 164 17.89 -7.57 -21.20
N LEU A 165 18.32 -7.58 -19.95
CA LEU A 165 19.10 -8.69 -19.41
C LEU A 165 18.41 -9.24 -18.17
N PHE A 166 18.40 -10.56 -18.03
CA PHE A 166 17.76 -11.23 -16.91
C PHE A 166 18.69 -12.32 -16.40
N ILE A 167 19.26 -12.10 -15.21
CA ILE A 167 20.08 -13.11 -14.56
C ILE A 167 19.19 -13.98 -13.69
N THR A 168 19.69 -15.15 -13.31
CA THR A 168 18.90 -16.06 -12.51
C THR A 168 19.80 -17.00 -11.73
N SER A 169 19.22 -17.60 -10.69
CA SER A 169 19.90 -18.58 -9.84
C SER A 169 19.22 -19.93 -10.04
N LEU A 170 19.91 -20.84 -10.72
CA LEU A 170 19.32 -22.15 -11.00
C LEU A 170 19.10 -22.94 -9.72
N SER A 171 20.04 -22.88 -8.79
CA SER A 171 19.93 -23.63 -7.56
C SER A 171 18.98 -22.95 -6.58
N THR A 172 18.49 -23.74 -5.62
CA THR A 172 17.71 -23.20 -4.53
C THR A 172 18.64 -22.53 -3.51
N THR A 173 18.04 -21.82 -2.55
CA THR A 173 18.84 -21.21 -1.50
C THR A 173 19.54 -22.26 -0.66
N ALA A 174 18.86 -23.37 -0.36
CA ALA A 174 19.47 -24.42 0.45
C ALA A 174 20.53 -25.17 -0.35
N SER A 175 20.34 -25.30 -1.65
CA SER A 175 21.32 -26.00 -2.48
C SER A 175 22.61 -25.20 -2.56
N SER A 176 23.64 -25.66 -1.84
CA SER A 176 24.92 -24.97 -1.85
C SER A 176 25.60 -25.10 -3.20
N THR A 177 25.22 -26.09 -3.98
CA THR A 177 25.72 -26.22 -5.34
C THR A 177 25.38 -24.96 -6.13
N ASN A 178 26.35 -24.48 -6.92
CA ASN A 178 26.26 -23.18 -7.57
C ASN A 178 26.16 -23.36 -9.08
N SER A 179 25.09 -22.83 -9.67
CA SER A 179 24.89 -22.83 -11.11
C SER A 179 23.91 -21.71 -11.44
N PHE A 180 24.24 -20.92 -12.46
CA PHE A 180 23.47 -19.74 -12.81
C PHE A 180 23.41 -19.57 -14.32
N ALA A 181 22.40 -18.87 -14.80
CA ALA A 181 22.21 -18.63 -16.22
C ALA A 181 21.67 -17.22 -16.41
N TYR A 182 21.44 -16.87 -17.68
CA TYR A 182 20.95 -15.55 -18.03
C TYR A 182 20.27 -15.61 -19.39
N SER A 183 19.49 -14.56 -19.69
CA SER A 183 18.77 -14.44 -20.95
C SER A 183 18.73 -12.97 -21.37
N THR A 184 19.69 -12.57 -22.20
CA THR A 184 19.74 -11.19 -22.67
C THR A 184 18.96 -11.03 -23.97
N CYS A 185 18.46 -9.82 -24.18
CA CYS A 185 17.77 -9.48 -25.42
C CYS A 185 18.04 -8.02 -25.74
N SER A 186 17.96 -7.68 -27.02
CA SER A 186 18.13 -6.31 -27.50
C SER A 186 16.97 -5.95 -28.40
N VAL A 187 16.36 -4.79 -28.15
CA VAL A 187 15.16 -4.35 -28.85
C VAL A 187 15.42 -2.95 -29.40
N PRO A 188 14.88 -2.60 -30.56
CA PRO A 188 15.03 -1.23 -31.06
C PRO A 188 14.15 -0.26 -30.28
N ILE A 189 14.54 1.02 -30.31
CA ILE A 189 13.76 2.04 -29.63
C ILE A 189 12.40 2.21 -30.29
N GLU A 190 12.34 2.05 -31.61
CA GLU A 190 11.10 2.32 -32.34
C GLU A 190 9.98 1.38 -31.92
N ASN A 191 10.29 0.10 -31.73
CA ASN A 191 9.30 -0.90 -31.36
C ASN A 191 9.13 -1.03 -29.85
N TRP A 192 9.77 -0.18 -29.06
CA TRP A 192 9.79 -0.35 -27.62
C TRP A 192 8.42 -0.15 -27.00
N ASP A 193 8.06 -1.03 -26.08
CA ASP A 193 6.83 -0.91 -25.31
C ASP A 193 6.97 -1.74 -24.05
N PHE A 194 6.90 -1.08 -22.89
CA PHE A 194 7.20 -1.76 -21.63
C PHE A 194 6.24 -2.92 -21.38
N ASN A 195 4.96 -2.73 -21.67
CA ASN A 195 3.93 -3.66 -21.22
C ASN A 195 4.18 -5.07 -21.75
N MET A 196 4.76 -5.19 -22.93
CA MET A 196 4.83 -6.49 -23.58
C MET A 196 5.71 -7.48 -22.82
N ILE A 197 6.83 -7.01 -22.26
CA ILE A 197 7.80 -7.90 -21.65
C ILE A 197 7.34 -8.30 -20.25
N LYS A 198 7.64 -9.55 -19.86
CA LYS A 198 7.29 -10.05 -18.54
C LYS A 198 8.16 -11.24 -18.22
N LEU A 199 8.12 -11.64 -16.96
CA LEU A 199 8.74 -12.88 -16.50
C LEU A 199 7.65 -13.90 -16.22
N THR A 200 7.71 -15.04 -16.90
CA THR A 200 6.61 -16.00 -16.84
C THR A 200 7.12 -17.38 -16.46
N ALA A 201 6.24 -18.16 -15.83
CA ALA A 201 6.49 -19.55 -15.54
C ALA A 201 5.53 -20.49 -16.24
N GLU A 202 4.54 -19.96 -16.95
CA GLU A 202 3.55 -20.78 -17.67
C GLU A 202 3.56 -20.53 -19.17
N THR A 203 3.70 -19.27 -19.59
CA THR A 203 3.68 -18.94 -21.00
C THR A 203 4.93 -19.46 -21.69
N SER A 204 4.75 -20.14 -22.82
CA SER A 204 5.86 -20.75 -23.54
C SER A 204 6.69 -19.69 -24.26
N CYS A 205 8.01 -19.80 -24.16
CA CYS A 205 8.92 -18.90 -24.85
C CYS A 205 10.29 -19.57 -24.98
N ALA A 206 11.13 -18.96 -25.81
CA ALA A 206 12.44 -19.55 -26.10
C ALA A 206 13.31 -19.61 -24.85
N SER A 207 13.31 -18.55 -24.04
CA SER A 207 14.10 -18.57 -22.82
C SER A 207 13.60 -19.64 -21.86
N LEU A 208 12.28 -19.66 -21.62
CA LEU A 208 11.71 -20.69 -20.77
C LEU A 208 11.96 -22.08 -21.34
N THR A 209 11.98 -22.19 -22.68
CA THR A 209 12.30 -23.47 -23.31
C THR A 209 13.65 -23.98 -22.86
N ALA A 210 14.67 -23.11 -22.85
CA ALA A 210 15.97 -23.52 -22.34
C ALA A 210 15.96 -23.61 -20.82
N MET A 211 15.30 -22.67 -20.15
CA MET A 211 15.35 -22.61 -18.69
C MET A 211 14.71 -23.85 -18.06
N THR A 212 13.68 -24.40 -18.68
CA THR A 212 13.03 -25.59 -18.14
C THR A 212 13.99 -26.77 -18.07
N ASN A 213 14.79 -26.97 -19.12
CA ASN A 213 15.70 -28.11 -19.15
C ASN A 213 16.92 -27.87 -18.26
N LEU A 214 17.26 -26.61 -17.99
CA LEU A 214 18.48 -26.32 -17.24
C LEU A 214 18.39 -26.87 -15.82
N VAL A 215 17.24 -26.73 -15.17
CA VAL A 215 17.08 -27.27 -13.81
C VAL A 215 17.09 -28.80 -13.84
N ASN A 216 16.81 -29.39 -15.01
CA ASN A 216 16.91 -30.84 -15.11
C ASN A 216 18.35 -31.30 -14.94
N SER A 217 19.31 -30.49 -15.39
CA SER A 217 20.71 -30.84 -15.19
C SER A 217 21.05 -30.94 -13.72
N LEU A 218 20.27 -30.28 -12.88
CA LEU A 218 20.47 -30.36 -11.43
C LEU A 218 20.02 -31.71 -10.90
N VAL A 219 20.41 -31.99 -9.66
CA VAL A 219 20.05 -33.23 -8.98
C VAL A 219 18.54 -33.20 -8.70
N PRO A 220 17.88 -34.35 -8.57
CA PRO A 220 16.42 -34.32 -8.35
C PRO A 220 15.99 -33.53 -7.13
N GLY A 221 16.79 -33.53 -6.07
CA GLY A 221 16.44 -32.75 -4.89
C GLY A 221 16.59 -31.26 -5.11
N GLU A 222 17.43 -30.88 -6.06
CA GLU A 222 17.80 -29.48 -6.27
C GLU A 222 16.90 -28.75 -7.25
N ARG A 223 15.83 -29.38 -7.73
CA ARG A 223 14.99 -28.77 -8.76
C ARG A 223 14.36 -27.47 -8.25
N THR A 224 14.23 -26.50 -9.15
CA THR A 224 13.51 -25.26 -8.87
C THR A 224 12.60 -24.95 -10.05
N ARG A 225 11.55 -24.18 -9.76
CA ARG A 225 10.57 -23.88 -10.79
C ARG A 225 11.19 -22.97 -11.85
N PRO A 226 11.05 -23.32 -13.13
CA PRO A 226 11.66 -22.49 -14.19
C PRO A 226 10.99 -21.11 -14.23
N VAL A 227 11.82 -20.09 -14.45
CA VAL A 227 11.35 -18.73 -14.67
C VAL A 227 12.06 -18.21 -15.91
N GLY A 228 11.29 -17.87 -16.94
CA GLY A 228 11.85 -17.54 -18.23
C GLY A 228 11.44 -16.17 -18.70
N LEU A 229 12.38 -15.48 -19.34
CA LEU A 229 12.10 -14.21 -19.95
C LEU A 229 11.19 -14.42 -21.17
N TYR A 230 10.20 -13.56 -21.32
CA TYR A 230 9.29 -13.60 -22.45
C TYR A 230 9.11 -12.19 -22.99
N VAL A 231 9.30 -12.02 -24.29
CA VAL A 231 9.14 -10.73 -24.96
C VAL A 231 8.13 -10.92 -26.09
N ASP A 232 7.07 -10.11 -26.06
CA ASP A 232 6.06 -10.15 -27.11
C ASP A 232 6.38 -9.20 -28.25
N ILE A 233 7.44 -8.42 -28.13
CA ILE A 233 7.78 -7.46 -29.19
C ILE A 233 8.28 -8.22 -30.41
N PRO A 234 7.75 -7.97 -31.60
CA PRO A 234 8.27 -8.64 -32.79
C PRO A 234 9.70 -8.21 -33.09
N GLY A 235 10.49 -9.16 -33.59
CA GLY A 235 11.86 -8.90 -33.95
C GLY A 235 12.85 -8.98 -32.81
N VAL A 236 12.55 -9.73 -31.75
CA VAL A 236 13.41 -9.84 -30.57
C VAL A 236 14.16 -11.16 -30.65
N THR A 237 15.41 -11.15 -30.20
CA THR A 237 16.23 -12.35 -30.12
C THR A 237 16.50 -12.68 -28.66
N VAL A 238 16.17 -13.91 -28.27
CA VAL A 238 16.34 -14.36 -26.89
C VAL A 238 17.41 -15.44 -26.86
N THR A 239 18.44 -15.24 -26.06
CA THR A 239 19.56 -16.17 -25.95
C THR A 239 19.78 -16.55 -24.49
N THR A 240 19.81 -17.85 -24.23
CA THR A 240 20.10 -18.39 -22.91
C THR A 240 21.35 -19.26 -22.97
N SER A 241 22.41 -18.82 -22.30
CA SER A 241 23.65 -19.56 -22.31
C SER A 241 23.57 -20.79 -21.42
N ALA A 242 24.62 -21.60 -21.47
CA ALA A 242 24.69 -22.77 -20.62
C ALA A 242 24.86 -22.36 -19.15
N SER A 243 24.82 -23.35 -18.28
CA SER A 243 25.01 -23.10 -16.86
C SER A 243 26.38 -22.48 -16.61
N SER A 244 26.42 -21.48 -15.73
CA SER A 244 27.66 -20.75 -15.47
C SER A 244 28.38 -21.22 -14.21
N GLY A 245 27.65 -21.56 -13.15
CA GLY A 245 28.27 -21.89 -11.89
C GLY A 245 28.76 -20.71 -11.10
N SER A 246 28.68 -19.51 -11.66
CA SER A 246 29.07 -18.28 -10.98
C SER A 246 28.18 -17.15 -11.47
N LEU A 247 28.10 -16.10 -10.68
CA LEU A 247 27.22 -14.99 -11.02
C LEU A 247 27.70 -14.31 -12.30
N PRO A 248 26.87 -14.24 -13.34
CA PRO A 248 27.31 -13.57 -14.57
C PRO A 248 27.64 -12.10 -14.37
N LEU A 249 26.89 -11.42 -13.49
CA LEU A 249 27.07 -10.01 -13.23
C LEU A 249 27.27 -9.79 -11.75
N THR A 250 28.22 -8.93 -11.39
CA THR A 250 28.48 -8.59 -10.00
C THR A 250 28.15 -7.13 -9.67
N THR A 251 28.47 -6.20 -10.56
CA THR A 251 28.24 -4.79 -10.32
C THR A 251 27.96 -4.08 -11.62
N ILE A 252 27.37 -2.89 -11.51
CA ILE A 252 27.00 -2.06 -12.66
C ILE A 252 27.88 -0.82 -12.64
N PRO A 253 28.59 -0.50 -13.73
CA PRO A 253 29.35 0.74 -13.78
C PRO A 253 28.44 1.95 -13.64
N ALA A 254 28.96 2.99 -12.97
CA ALA A 254 28.17 4.19 -12.74
C ALA A 254 27.84 4.90 -14.04
N VAL A 255 28.80 4.95 -14.97
CA VAL A 255 28.59 5.67 -16.23
C VAL A 255 27.65 4.87 -17.15
N THR A 256 27.39 3.62 -16.80
CA THR A 256 26.52 2.80 -17.63
C THR A 256 25.08 3.30 -17.54
N PRO A 257 24.43 3.60 -18.67
CA PRO A 257 23.03 4.01 -18.62
C PRO A 257 22.15 2.90 -18.08
N LEU A 258 21.09 3.29 -17.37
CA LEU A 258 20.21 2.35 -16.68
C LEU A 258 18.76 2.74 -16.89
N ILE A 259 17.90 1.76 -17.06
CA ILE A 259 16.45 1.96 -17.15
C ILE A 259 15.71 1.25 -16.04
N PHE A 260 15.85 -0.08 -15.96
CA PHE A 260 15.25 -0.84 -14.88
C PHE A 260 16.26 -1.86 -14.37
N SER A 261 16.42 -1.92 -13.06
CA SER A 261 17.35 -2.85 -12.42
C SER A 261 16.82 -3.21 -11.05
N ALA A 262 16.66 -4.50 -10.79
CA ALA A 262 16.23 -4.98 -9.48
C ALA A 262 16.71 -6.40 -9.30
N TYR A 263 17.17 -6.72 -8.10
CA TYR A 263 17.71 -8.03 -7.78
C TYR A 263 17.36 -8.40 -6.36
N THR A 264 17.12 -9.69 -6.13
CA THR A 264 16.85 -10.21 -4.80
C THR A 264 17.91 -11.24 -4.42
N LYS A 265 18.32 -11.21 -3.15
CA LYS A 265 19.35 -12.13 -2.69
C LYS A 265 18.91 -13.58 -2.85
N GLN A 266 17.65 -13.86 -2.53
CA GLN A 266 17.10 -15.21 -2.64
C GLN A 266 16.32 -15.32 -3.94
N VAL A 267 16.57 -16.40 -4.69
CA VAL A 267 15.83 -16.63 -5.93
C VAL A 267 14.37 -16.91 -5.64
N GLU A 268 14.07 -17.42 -4.44
CA GLU A 268 12.73 -17.90 -4.14
C GLU A 268 11.69 -16.78 -4.23
N GLU A 269 12.14 -15.53 -4.19
CA GLU A 269 11.22 -14.39 -4.35
C GLU A 269 11.35 -13.75 -5.72
N VAL A 270 11.68 -14.54 -6.74
CA VAL A 270 11.86 -13.97 -8.07
C VAL A 270 10.57 -13.35 -8.58
N GLY A 271 9.42 -13.83 -8.09
CA GLY A 271 8.14 -13.34 -8.58
C GLY A 271 7.96 -11.85 -8.34
N VAL A 272 8.43 -11.36 -7.19
CA VAL A 272 8.22 -9.95 -6.85
C VAL A 272 8.89 -9.06 -7.89
N ILE A 273 9.92 -9.57 -8.56
CA ILE A 273 10.56 -8.81 -9.63
C ILE A 273 9.57 -8.49 -10.72
N ASN A 274 8.82 -9.48 -11.18
CA ASN A 274 7.82 -9.24 -12.22
C ASN A 274 6.78 -8.25 -11.73
N THR A 275 6.33 -8.41 -10.48
CA THR A 275 5.32 -7.51 -9.94
C THR A 275 5.81 -6.08 -9.96
N LEU A 276 7.05 -5.85 -9.53
CA LEU A 276 7.60 -4.50 -9.55
C LEU A 276 7.66 -3.95 -10.96
N TYR A 277 8.08 -4.78 -11.92
CA TYR A 277 8.06 -4.34 -13.30
C TYR A 277 6.64 -4.11 -13.80
N ALA A 278 5.72 -5.00 -13.40
CA ALA A 278 4.33 -4.81 -13.80
C ALA A 278 3.77 -3.52 -13.24
N LEU A 279 4.04 -3.25 -11.96
CA LEU A 279 3.52 -2.04 -11.34
C LEU A 279 4.11 -0.80 -11.96
N SER A 280 5.41 -0.85 -12.30
CA SER A 280 6.16 0.37 -12.56
C SER A 280 5.61 1.15 -13.74
N TYR A 281 5.27 0.47 -14.83
CA TYR A 281 4.89 1.12 -16.07
C TYR A 281 3.44 0.82 -16.40
N LEU A 282 2.66 1.87 -16.59
CA LEU A 282 1.27 1.69 -16.99
C LEU A 282 1.21 1.22 -18.43
N PRO A 283 0.37 0.23 -18.74
CA PRO A 283 0.24 -0.28 -20.13
C PRO A 283 -0.38 0.75 -21.06
N GLU B 4 -54.90 -4.14 -19.99
CA GLU B 4 -54.12 -3.36 -19.04
C GLU B 4 -53.24 -4.27 -18.18
N THR B 5 -53.65 -5.53 -18.00
CA THR B 5 -52.82 -6.46 -17.26
C THR B 5 -51.49 -6.70 -17.97
N GLU B 6 -51.47 -6.56 -19.30
CA GLU B 6 -50.23 -6.65 -20.04
C GLU B 6 -49.25 -5.57 -19.57
N LEU B 7 -49.76 -4.39 -19.22
CA LEU B 7 -48.90 -3.35 -18.66
C LEU B 7 -48.23 -3.84 -17.38
N ARG B 8 -48.99 -4.54 -16.53
CA ARG B 8 -48.44 -5.01 -15.26
C ARG B 8 -47.24 -5.93 -15.49
N ALA B 9 -47.38 -6.90 -16.38
CA ALA B 9 -46.25 -7.78 -16.67
C ALA B 9 -45.13 -7.03 -17.37
N LEU B 10 -45.45 -6.22 -18.37
CA LEU B 10 -44.41 -5.52 -19.12
C LEU B 10 -43.74 -4.47 -18.27
N LYS B 11 -44.41 -3.99 -17.21
CA LYS B 11 -43.76 -3.08 -16.28
C LYS B 11 -42.63 -3.76 -15.53
N LYS B 12 -42.84 -5.04 -15.16
CA LYS B 12 -41.80 -5.77 -14.42
C LYS B 12 -40.53 -5.89 -15.24
N LEU B 13 -40.64 -5.85 -16.57
CA LEU B 13 -39.45 -5.88 -17.42
C LEU B 13 -38.55 -4.69 -17.10
N SER B 14 -39.12 -3.58 -16.67
CA SER B 14 -38.32 -2.45 -16.23
C SER B 14 -37.59 -2.76 -14.93
N THR B 15 -38.29 -3.37 -13.97
CA THR B 15 -37.73 -3.54 -12.64
C THR B 15 -36.50 -4.45 -12.64
N THR B 16 -36.57 -5.57 -13.35
CA THR B 16 -35.53 -6.57 -13.31
C THR B 16 -35.15 -6.99 -14.71
N THR B 17 -34.12 -7.83 -14.79
CA THR B 17 -33.63 -8.37 -16.06
C THR B 17 -33.88 -9.87 -16.09
N SER B 18 -34.16 -10.39 -17.28
CA SER B 18 -34.25 -11.84 -17.45
C SER B 18 -32.86 -12.47 -17.44
N ARG B 19 -31.84 -11.69 -17.76
CA ARG B 19 -30.47 -12.21 -17.83
C ARG B 19 -29.96 -12.56 -16.45
N VAL B 20 -29.12 -13.60 -16.39
CA VAL B 20 -28.47 -13.96 -15.14
C VAL B 20 -26.99 -13.57 -15.20
N VAL B 21 -26.37 -13.53 -14.03
CA VAL B 21 -24.96 -13.15 -13.94
C VAL B 21 -24.10 -14.22 -14.59
N GLY B 22 -22.97 -13.81 -15.17
CA GLY B 22 -22.06 -14.75 -15.77
C GLY B 22 -21.00 -14.02 -16.58
N ASP B 23 -20.27 -14.81 -17.38
CA ASP B 23 -19.28 -14.23 -18.26
C ASP B 23 -19.91 -13.28 -19.27
N SER B 24 -21.15 -13.55 -19.68
CA SER B 24 -21.84 -12.68 -20.63
C SER B 24 -21.96 -11.27 -20.09
N THR B 25 -22.11 -11.13 -18.77
CA THR B 25 -22.21 -9.80 -18.16
C THR B 25 -20.97 -8.97 -18.48
N LEU B 26 -19.80 -9.60 -18.54
CA LEU B 26 -18.60 -8.89 -18.96
C LEU B 26 -18.72 -8.40 -20.39
N ALA B 27 -19.31 -9.22 -21.26
CA ALA B 27 -19.37 -8.92 -22.68
C ALA B 27 -20.65 -8.20 -23.10
N LEU B 28 -21.50 -7.81 -22.15
CA LEU B 28 -22.71 -7.10 -22.51
C LEU B 28 -22.35 -5.74 -23.13
N PRO B 29 -23.06 -5.32 -24.18
CA PRO B 29 -22.72 -4.05 -24.82
C PRO B 29 -22.90 -2.86 -23.87
N SER B 30 -22.07 -1.85 -24.09
CA SER B 30 -21.99 -0.74 -23.14
C SER B 30 -23.29 0.04 -23.07
N ASN B 31 -24.06 0.06 -24.16
CA ASN B 31 -25.23 0.93 -24.21
C ASN B 31 -26.37 0.38 -23.36
N VAL B 32 -26.41 -0.92 -23.13
CA VAL B 32 -27.55 -1.52 -22.45
C VAL B 32 -27.49 -1.20 -20.96
N LYS B 33 -28.64 -1.28 -20.29
CA LYS B 33 -28.70 -1.06 -18.87
C LYS B 33 -28.32 -2.33 -18.11
N LEU B 34 -28.14 -2.18 -16.80
CA LEU B 34 -27.57 -3.23 -15.96
C LEU B 34 -28.45 -3.50 -14.75
N SER B 35 -28.30 -4.69 -14.19
CA SER B 35 -28.91 -5.07 -12.93
C SER B 35 -27.88 -5.06 -11.80
N LYS B 36 -28.37 -5.25 -10.58
CA LYS B 36 -27.49 -5.22 -9.41
C LYS B 36 -26.46 -6.35 -9.47
N GLY B 37 -26.90 -7.55 -9.83
CA GLY B 37 -25.98 -8.67 -9.87
C GLY B 37 -24.82 -8.44 -10.80
N GLU B 38 -25.09 -7.88 -11.98
CA GLU B 38 -24.00 -7.56 -12.90
C GLU B 38 -23.12 -6.45 -12.36
N VAL B 39 -23.73 -5.42 -11.78
CA VAL B 39 -22.96 -4.30 -11.23
C VAL B 39 -22.09 -4.78 -10.08
N GLU B 40 -22.57 -5.76 -9.32
CA GLU B 40 -21.71 -6.41 -8.33
C GLU B 40 -20.46 -6.97 -8.99
N LYS B 41 -20.62 -7.64 -10.13
CA LYS B 41 -19.47 -8.26 -10.78
C LYS B 41 -18.56 -7.22 -11.42
N ILE B 42 -19.13 -6.26 -12.14
CA ILE B 42 -18.31 -5.37 -12.96
C ILE B 42 -17.50 -4.42 -12.10
N ALA B 43 -18.12 -3.84 -11.08
CA ALA B 43 -17.48 -2.81 -10.28
C ALA B 43 -17.02 -3.38 -8.94
N VAL B 44 -15.96 -2.78 -8.41
CA VAL B 44 -15.46 -3.19 -7.10
C VAL B 44 -16.42 -2.70 -6.03
N THR B 45 -16.97 -3.63 -5.25
CA THR B 45 -18.03 -3.31 -4.31
C THR B 45 -17.45 -2.69 -3.04
N LYS B 46 -18.24 -1.81 -2.43
CA LYS B 46 -17.87 -1.30 -1.11
C LYS B 46 -17.85 -2.42 -0.08
N LYS B 47 -18.68 -3.45 -0.28
CA LYS B 47 -18.61 -4.62 0.58
C LYS B 47 -17.25 -5.31 0.44
N GLU B 48 -16.74 -5.43 -0.78
CA GLU B 48 -15.49 -6.14 -1.00
C GLU B 48 -14.32 -5.48 -0.28
N MET B 49 -14.24 -4.15 -0.35
CA MET B 49 -13.21 -3.44 0.42
C MET B 49 -13.46 -3.60 1.91
N PHE B 50 -14.72 -3.53 2.34
CA PHE B 50 -15.04 -3.83 3.73
C PHE B 50 -14.72 -5.28 4.06
N ASP B 51 -14.76 -6.16 3.06
CA ASP B 51 -14.55 -7.57 3.31
C ASP B 51 -13.10 -7.87 3.66
N GLU B 52 -12.17 -6.94 3.36
CA GLU B 52 -10.76 -7.20 3.61
C GLU B 52 -10.49 -7.43 5.08
N LEU B 53 -11.02 -6.57 5.94
CA LEU B 53 -10.77 -6.67 7.37
C LEU B 53 -11.86 -7.40 8.12
N ALA B 54 -12.85 -7.94 7.42
CA ALA B 54 -13.96 -8.61 8.10
C ALA B 54 -13.54 -9.96 8.63
N GLN B 55 -13.81 -10.18 9.92
CA GLN B 55 -13.54 -11.46 10.57
C GLN B 55 -14.75 -11.84 11.40
N CYS B 56 -14.99 -13.15 11.54
CA CYS B 56 -16.11 -13.68 12.31
C CYS B 56 -17.45 -13.23 11.74
N ASN B 57 -17.43 -12.75 10.49
CA ASN B 57 -18.65 -12.32 9.80
C ASN B 57 -19.41 -11.27 10.60
N LEU B 58 -18.68 -10.46 11.34
CA LEU B 58 -19.31 -9.46 12.17
C LEU B 58 -19.92 -8.35 11.33
N PRO B 59 -20.97 -7.70 11.84
CA PRO B 59 -21.56 -6.58 11.10
C PRO B 59 -20.57 -5.44 10.85
N THR B 60 -19.64 -5.22 11.77
CA THR B 60 -18.64 -4.19 11.61
C THR B 60 -17.26 -4.76 11.95
N ILE B 61 -16.23 -4.11 11.42
CA ILE B 61 -14.87 -4.55 11.70
C ILE B 61 -14.49 -4.18 13.13
N GLU B 62 -13.39 -4.78 13.60
CA GLU B 62 -12.97 -4.61 14.98
C GLU B 62 -12.68 -3.15 15.30
N LEU B 63 -13.13 -2.72 16.48
CA LEU B 63 -12.99 -1.32 16.88
C LEU B 63 -11.53 -0.90 16.92
N ILE B 64 -10.66 -1.74 17.48
CA ILE B 64 -9.26 -1.37 17.60
C ILE B 64 -8.61 -1.25 16.23
N THR B 65 -9.12 -1.99 15.25
CA THR B 65 -8.62 -1.88 13.90
C THR B 65 -9.13 -0.60 13.23
N ARG B 66 -10.38 -0.23 13.50
CA ARG B 66 -10.96 0.94 12.84
C ARG B 66 -10.31 2.23 13.31
N GLU B 67 -9.65 2.20 14.47
CA GLU B 67 -9.10 3.44 15.02
C GLU B 67 -7.97 3.97 14.15
N HIS B 68 -7.01 3.13 13.80
CA HIS B 68 -5.84 3.57 13.06
C HIS B 68 -5.90 3.23 11.57
N THR B 69 -7.03 2.77 11.08
CA THR B 69 -7.20 2.50 9.66
C THR B 69 -8.17 3.47 9.00
N PHE B 70 -8.30 4.67 9.56
CA PHE B 70 -9.21 5.69 9.05
C PHE B 70 -10.62 5.13 8.91
N ASN B 71 -11.07 4.42 9.95
CA ASN B 71 -12.38 3.78 9.97
C ASN B 71 -12.58 2.86 8.77
N GLY B 72 -11.57 2.05 8.50
CA GLY B 72 -11.67 1.01 7.49
C GLY B 72 -11.38 1.43 6.07
N ASP B 73 -10.92 2.66 5.85
CA ASP B 73 -10.60 3.11 4.50
C ASP B 73 -9.25 2.53 4.13
N VAL B 74 -9.26 1.27 3.67
CA VAL B 74 -8.02 0.55 3.42
C VAL B 74 -7.22 1.22 2.32
N ILE B 75 -7.91 1.79 1.33
CA ILE B 75 -7.23 2.32 0.15
C ILE B 75 -6.25 3.41 0.52
N ARG B 76 -6.66 4.34 1.39
CA ARG B 76 -5.72 5.38 1.81
C ARG B 76 -4.73 4.85 2.82
N PHE B 77 -5.12 3.82 3.59
CA PHE B 77 -4.25 3.35 4.66
C PHE B 77 -2.95 2.79 4.12
N ALA B 78 -3.03 2.04 3.02
CA ALA B 78 -1.83 1.38 2.50
C ALA B 78 -0.79 2.41 2.07
N ALA B 79 -1.18 3.37 1.23
CA ALA B 79 -0.21 4.34 0.73
C ALA B 79 0.30 5.23 1.86
N TRP B 80 -0.58 5.63 2.76
CA TRP B 80 -0.17 6.53 3.85
C TRP B 80 0.83 5.86 4.76
N LEU B 81 0.76 4.54 4.90
CA LEU B 81 1.56 3.87 5.91
C LEU B 81 3.05 3.97 5.60
N PHE B 82 3.45 3.63 4.37
CA PHE B 82 4.87 3.65 4.05
C PHE B 82 5.43 5.06 4.10
N LEU B 83 4.71 6.04 3.55
CA LEU B 83 5.21 7.40 3.59
C LEU B 83 5.29 7.91 5.01
N MET B 84 4.44 7.39 5.90
CA MET B 84 4.50 7.82 7.30
C MET B 84 5.83 7.47 7.92
N ASN B 85 6.35 6.27 7.66
CA ASN B 85 7.62 5.85 8.20
C ASN B 85 8.20 4.74 7.33
N GLY B 86 9.52 4.69 7.23
CA GLY B 86 10.20 3.73 6.41
C GLY B 86 10.78 4.28 5.12
N GLN B 87 10.45 5.52 4.76
CA GLN B 87 11.06 6.14 3.59
C GLN B 87 12.55 6.30 3.81
N LYS B 88 13.34 6.05 2.77
CA LYS B 88 14.79 6.15 2.89
C LYS B 88 15.22 7.59 3.15
N LEU B 89 14.58 8.56 2.51
CA LEU B 89 15.09 9.92 2.55
C LEU B 89 14.56 10.70 3.75
N MET B 90 13.43 10.30 4.31
CA MET B 90 12.90 11.02 5.46
C MET B 90 13.82 10.85 6.66
N ILE B 91 14.04 11.95 7.38
CA ILE B 91 14.98 11.97 8.50
C ILE B 91 14.21 11.64 9.77
N ALA B 92 14.78 10.74 10.57
CA ALA B 92 14.17 10.25 11.82
C ALA B 92 12.82 9.65 11.43
N ASN B 93 11.74 9.95 12.14
CA ASN B 93 10.42 9.47 11.79
C ASN B 93 9.48 10.66 11.62
N ASN B 94 8.80 10.71 10.47
CA ASN B 94 7.82 11.76 10.24
C ASN B 94 6.69 11.61 11.26
N VAL B 95 6.24 12.74 11.78
CA VAL B 95 5.22 12.75 12.83
C VAL B 95 3.94 13.28 12.24
N ALA B 96 2.88 12.46 12.30
CA ALA B 96 1.56 12.83 11.83
C ALA B 96 0.54 12.43 12.87
N VAL B 97 -0.22 13.41 13.37
CA VAL B 97 -1.21 13.18 14.41
C VAL B 97 -2.55 12.99 13.73
N ARG B 98 -2.93 11.75 13.49
CA ARG B 98 -4.21 11.46 12.87
C ARG B 98 -5.33 11.56 13.89
N MET B 99 -6.50 12.01 13.44
CA MET B 99 -7.62 12.22 14.34
C MET B 99 -8.22 10.88 14.79
N GLY B 100 -9.00 10.94 15.86
CA GLY B 100 -9.68 9.77 16.36
C GLY B 100 -8.75 8.68 16.85
N MET B 101 -7.70 9.06 17.57
CA MET B 101 -6.65 8.13 17.97
C MET B 101 -6.34 8.28 19.46
N GLN B 102 -5.80 7.21 20.05
CA GLN B 102 -5.36 7.29 21.43
C GLN B 102 -3.90 7.75 21.51
N TYR B 103 -3.01 7.12 20.74
CA TYR B 103 -1.59 7.42 20.80
C TYR B 103 -1.06 7.70 19.40
N ALA B 104 -0.02 8.51 19.34
CA ALA B 104 0.70 8.80 18.11
C ALA B 104 2.19 8.89 18.40
N THR B 105 3.00 8.38 17.47
CA THR B 105 4.44 8.39 17.67
C THR B 105 4.99 9.80 17.55
N ASN B 106 6.06 10.07 18.29
CA ASN B 106 6.75 11.35 18.21
C ASN B 106 8.01 11.19 17.37
N LEU B 107 8.84 12.24 17.34
CA LEU B 107 10.04 12.23 16.50
C LEU B 107 10.98 11.10 16.90
N ALA B 108 11.16 10.88 18.20
CA ALA B 108 12.04 9.82 18.65
C ALA B 108 11.47 8.45 18.31
N GLY B 109 10.15 8.30 18.37
CA GLY B 109 9.50 7.03 18.12
C GLY B 109 8.68 6.52 19.28
N ASN B 110 8.59 7.25 20.39
CA ASN B 110 7.76 6.82 21.50
C ASN B 110 6.33 7.27 21.28
N ASN B 111 5.38 6.36 21.46
CA ASN B 111 3.98 6.70 21.30
C ASN B 111 3.50 7.52 22.49
N VAL B 112 2.81 8.61 22.21
CA VAL B 112 2.45 9.61 23.21
C VAL B 112 0.94 9.73 23.25
N LYS B 113 0.40 9.77 24.47
CA LYS B 113 -1.02 10.08 24.64
C LYS B 113 -1.32 11.47 24.09
N ILE B 114 -2.37 11.57 23.30
CA ILE B 114 -2.64 12.75 22.50
C ILE B 114 -3.61 13.66 23.24
N THR B 115 -3.24 14.93 23.39
CA THR B 115 -4.12 15.92 24.01
C THR B 115 -5.07 16.46 22.95
N TYR B 116 -6.30 15.98 22.96
CA TYR B 116 -7.29 16.37 21.96
C TYR B 116 -7.89 17.71 22.34
N VAL B 117 -7.70 18.70 21.47
CA VAL B 117 -8.23 20.04 21.69
C VAL B 117 -9.68 20.07 21.23
N THR B 118 -10.57 20.50 22.11
CA THR B 118 -12.00 20.56 21.83
C THR B 118 -12.40 22.00 21.58
N SER B 119 -13.03 22.23 20.43
CA SER B 119 -13.48 23.56 20.04
C SER B 119 -15.00 23.60 20.04
N ASN B 120 -15.56 24.56 20.79
CA ASN B 120 -17.01 24.73 20.91
C ASN B 120 -17.74 23.39 21.04
N ASN B 121 -17.24 22.56 21.96
CA ASN B 121 -17.73 21.21 22.22
C ASN B 121 -17.54 20.26 21.05
N VAL B 122 -16.63 20.58 20.13
CA VAL B 122 -16.27 19.69 19.02
C VAL B 122 -14.76 19.57 18.99
N VAL B 123 -14.27 18.34 18.91
CA VAL B 123 -12.83 18.08 18.93
C VAL B 123 -12.26 18.52 17.57
N LYS B 124 -11.35 19.50 17.61
CA LYS B 124 -10.79 20.00 16.36
C LYS B 124 -9.53 19.22 15.98
N LEU B 125 -8.54 19.15 16.86
CA LEU B 125 -7.29 18.49 16.55
C LEU B 125 -6.58 18.14 17.85
N GLY B 126 -5.54 17.33 17.72
CA GLY B 126 -4.74 16.93 18.87
C GLY B 126 -3.26 17.08 18.59
N HIS B 127 -2.48 17.12 19.67
CA HIS B 127 -1.03 17.28 19.58
C HIS B 127 -0.36 16.45 20.65
N ILE B 128 0.93 16.19 20.46
CA ILE B 128 1.71 15.38 21.38
C ILE B 128 3.06 16.05 21.61
N ALA B 129 3.76 15.57 22.65
CA ALA B 129 5.11 16.06 22.93
C ALA B 129 6.05 15.68 21.81
N ALA B 130 6.93 16.62 21.45
CA ALA B 130 7.82 16.40 20.30
C ALA B 130 8.79 15.25 20.55
N GLY B 131 9.33 15.16 21.75
CA GLY B 131 10.36 14.18 22.01
C GLY B 131 11.71 14.64 21.49
N VAL B 132 12.72 13.80 21.73
CA VAL B 132 14.09 14.13 21.38
C VAL B 132 14.33 13.70 19.94
N LEU B 133 14.65 14.66 19.08
CA LEU B 133 14.93 14.35 17.69
C LEU B 133 16.22 13.55 17.58
N ALA B 134 16.21 12.55 16.70
CA ALA B 134 17.39 11.70 16.54
C ALA B 134 18.58 12.49 15.99
N ASN B 135 18.37 13.21 14.88
CA ASN B 135 19.45 13.92 14.22
C ASN B 135 18.94 15.21 13.61
N PRO B 136 19.78 16.23 13.48
CA PRO B 136 19.38 17.45 12.77
C PRO B 136 19.24 17.22 11.28
N TYR B 137 18.53 18.10 10.60
CA TYR B 137 18.25 17.96 9.17
C TYR B 137 19.45 18.47 8.38
N SER B 138 20.24 17.55 7.85
CA SER B 138 21.54 17.92 7.31
C SER B 138 21.44 18.55 5.93
N ASN B 139 21.07 17.77 4.92
CA ASN B 139 21.27 18.17 3.54
C ASN B 139 20.22 19.19 3.10
N LYS B 140 20.30 19.58 1.82
CA LYS B 140 19.41 20.57 1.24
C LYS B 140 18.11 19.88 0.84
N GLY B 141 17.05 20.13 1.62
CA GLY B 141 15.76 19.55 1.33
C GLY B 141 14.65 20.42 1.90
N SER B 142 13.42 20.07 1.54
CA SER B 142 12.25 20.81 1.98
C SER B 142 11.54 20.05 3.09
N GLY B 143 10.62 20.75 3.75
CA GLY B 143 9.89 20.15 4.85
C GLY B 143 8.69 20.98 5.22
N LEU B 144 7.69 20.33 5.79
CA LEU B 144 6.47 20.97 6.26
C LEU B 144 6.36 20.74 7.76
N PHE B 145 6.03 21.79 8.49
CA PHE B 145 5.94 21.73 9.94
C PHE B 145 4.67 22.40 10.42
N ILE B 146 3.96 21.73 11.32
CA ILE B 146 2.76 22.28 11.95
C ILE B 146 2.88 22.08 13.45
N THR B 147 2.74 23.16 14.19
CA THR B 147 2.88 23.15 15.64
C THR B 147 1.74 23.90 16.28
N TYR B 148 1.52 23.63 17.57
CA TYR B 148 0.41 24.18 18.32
C TYR B 148 0.92 25.16 19.37
N GLU B 149 0.35 26.36 19.38
CA GLU B 149 0.70 27.41 20.33
C GLU B 149 2.19 27.73 20.32
N TYR B 150 2.80 27.79 19.14
CA TYR B 150 4.23 28.01 19.06
C TYR B 150 4.59 28.47 17.66
N ASN B 151 5.66 29.26 17.55
CA ASN B 151 6.24 29.66 16.29
C ASN B 151 7.71 29.29 16.30
N LEU B 152 8.11 28.42 15.37
CA LEU B 152 9.47 27.88 15.40
C LEU B 152 10.51 28.95 15.11
N ILE B 153 10.25 29.82 14.12
CA ILE B 153 11.25 30.82 13.77
C ILE B 153 11.43 31.83 14.90
N SER B 154 10.33 32.27 15.50
CA SER B 154 10.41 33.24 16.59
C SER B 154 10.62 32.59 17.95
N ASN B 155 10.37 31.28 18.07
CA ASN B 155 10.44 30.58 19.35
C ASN B 155 9.56 31.27 20.39
N LEU B 156 8.39 31.70 19.95
CA LEU B 156 7.44 32.39 20.81
C LEU B 156 6.12 31.63 20.82
N ILE B 157 5.45 31.65 21.97
CA ILE B 157 4.23 30.89 22.19
C ILE B 157 3.05 31.84 22.03
N GLU B 158 2.08 31.45 21.21
CA GLU B 158 0.83 32.18 21.03
C GLU B 158 -0.31 31.28 21.45
N THR B 159 -0.92 31.58 22.59
CA THR B 159 -1.97 30.73 23.12
C THR B 159 -3.17 30.68 22.19
N GLY B 160 -3.67 29.47 21.93
CA GLY B 160 -4.86 29.30 21.13
C GLY B 160 -4.68 29.52 19.64
N LYS B 161 -3.45 29.54 19.14
CA LYS B 161 -3.17 29.77 17.73
C LYS B 161 -2.25 28.67 17.22
N VAL B 162 -2.51 28.20 16.00
CA VAL B 162 -1.70 27.16 15.37
C VAL B 162 -0.89 27.79 14.25
N CYS B 163 0.42 27.60 14.31
CA CYS B 163 1.35 28.13 13.31
C CYS B 163 1.91 26.97 12.50
N VAL B 164 1.94 27.13 11.19
CA VAL B 164 2.47 26.12 10.27
C VAL B 164 3.62 26.73 9.50
N LEU B 165 4.76 26.04 9.47
CA LEU B 165 5.95 26.49 8.78
C LEU B 165 6.24 25.56 7.62
N PHE B 166 6.74 26.13 6.52
CA PHE B 166 7.25 25.36 5.40
C PHE B 166 8.66 25.83 5.09
N ILE B 167 9.61 24.91 5.10
CA ILE B 167 11.01 25.22 4.80
C ILE B 167 11.38 24.58 3.48
N THR B 168 12.39 25.14 2.82
CA THR B 168 12.77 24.65 1.51
C THR B 168 14.20 25.06 1.20
N SER B 169 14.78 24.36 0.23
CA SER B 169 16.11 24.64 -0.30
C SER B 169 15.97 24.99 -1.77
N LEU B 170 16.20 26.27 -2.11
CA LEU B 170 16.03 26.72 -3.47
C LEU B 170 16.99 26.02 -4.42
N SER B 171 18.23 25.87 -4.02
CA SER B 171 19.25 25.31 -4.90
C SER B 171 19.01 23.82 -5.12
N THR B 172 19.45 23.35 -6.28
CA THR B 172 19.40 21.92 -6.57
C THR B 172 20.35 21.18 -5.65
N THR B 173 20.00 19.92 -5.36
CA THR B 173 20.87 19.10 -4.51
C THR B 173 22.22 18.88 -5.18
N ALA B 174 22.24 18.68 -6.50
CA ALA B 174 23.49 18.53 -7.21
C ALA B 174 24.32 19.81 -7.13
N SER B 175 23.67 20.96 -7.23
CA SER B 175 24.39 22.23 -7.11
C SER B 175 24.87 22.44 -5.69
N SER B 176 26.17 22.72 -5.54
CA SER B 176 26.73 22.89 -4.20
C SER B 176 26.39 24.25 -3.62
N THR B 177 25.90 25.17 -4.45
CA THR B 177 25.47 26.47 -3.95
C THR B 177 24.33 26.29 -2.96
N ASN B 178 24.28 27.15 -1.95
CA ASN B 178 23.38 27.00 -0.81
C ASN B 178 22.45 28.20 -0.73
N SER B 179 21.16 27.98 -0.97
CA SER B 179 20.14 29.01 -0.84
C SER B 179 18.90 28.38 -0.21
N PHE B 180 18.44 28.96 0.90
CA PHE B 180 17.32 28.39 1.65
C PHE B 180 16.36 29.49 2.04
N ALA B 181 15.07 29.15 2.07
CA ALA B 181 14.02 30.09 2.44
C ALA B 181 12.89 29.32 3.09
N TYR B 182 11.91 30.05 3.62
CA TYR B 182 10.80 29.43 4.32
C TYR B 182 9.56 30.30 4.21
N SER B 183 8.40 29.70 4.50
CA SER B 183 7.13 30.40 4.55
C SER B 183 6.41 30.00 5.83
N THR B 184 5.76 30.97 6.47
CA THR B 184 5.14 30.77 7.77
C THR B 184 3.78 31.47 7.79
N CYS B 185 2.87 30.96 8.61
CA CYS B 185 1.61 31.62 8.87
C CYS B 185 1.00 31.09 10.15
N SER B 186 0.15 31.90 10.78
CA SER B 186 -0.53 31.56 12.01
C SER B 186 -2.03 31.54 11.74
N VAL B 187 -2.69 30.49 12.20
CA VAL B 187 -4.11 30.24 11.90
C VAL B 187 -4.87 30.23 13.22
N PRO B 188 -6.06 30.83 13.28
CA PRO B 188 -6.86 30.73 14.50
C PRO B 188 -7.35 29.31 14.73
N ILE B 189 -7.63 29.00 16.00
CA ILE B 189 -8.13 27.67 16.36
C ILE B 189 -9.47 27.40 15.70
N GLU B 190 -10.34 28.41 15.66
CA GLU B 190 -11.74 28.18 15.33
C GLU B 190 -11.91 27.61 13.92
N ASN B 191 -11.61 28.41 12.90
CA ASN B 191 -11.78 27.98 11.51
C ASN B 191 -10.52 27.28 11.04
N TRP B 192 -10.32 26.06 11.54
CA TRP B 192 -9.16 25.26 11.21
C TRP B 192 -9.61 24.00 10.47
N ASP B 193 -9.12 23.83 9.25
CA ASP B 193 -9.39 22.64 8.44
C ASP B 193 -8.12 22.22 7.74
N PHE B 194 -7.68 20.98 7.97
CA PHE B 194 -6.43 20.51 7.38
C PHE B 194 -6.50 20.55 5.87
N ASN B 195 -7.69 20.37 5.30
CA ASN B 195 -7.84 20.24 3.85
C ASN B 195 -7.37 21.50 3.13
N MET B 196 -7.63 22.68 3.71
CA MET B 196 -7.42 23.92 2.98
C MET B 196 -5.95 24.19 2.70
N ILE B 197 -5.05 23.57 3.46
CA ILE B 197 -3.63 23.82 3.27
C ILE B 197 -3.02 22.76 2.36
N LYS B 198 -2.12 23.18 1.48
CA LYS B 198 -1.43 22.27 0.58
C LYS B 198 -0.16 22.94 0.07
N LEU B 199 0.69 22.13 -0.56
CA LEU B 199 1.88 22.62 -1.26
C LEU B 199 1.65 22.51 -2.75
N THR B 200 1.70 23.65 -3.45
CA THR B 200 1.31 23.70 -4.85
C THR B 200 2.43 24.26 -5.71
N ALA B 201 2.50 23.77 -6.94
CA ALA B 201 3.39 24.32 -7.95
C ALA B 201 2.63 24.97 -9.10
N GLU B 202 1.31 24.91 -9.10
CA GLU B 202 0.48 25.48 -10.15
C GLU B 202 -0.49 26.54 -9.65
N THR B 203 -1.11 26.31 -8.50
CA THR B 203 -2.07 27.28 -7.95
C THR B 203 -1.33 28.56 -7.54
N SER B 204 -1.89 29.70 -7.90
CA SER B 204 -1.26 30.98 -7.60
C SER B 204 -1.53 31.38 -6.15
N CYS B 205 -0.47 31.82 -5.46
CA CYS B 205 -0.58 32.31 -4.09
C CYS B 205 0.63 33.16 -3.78
N ALA B 206 0.54 33.90 -2.67
CA ALA B 206 1.59 34.85 -2.31
C ALA B 206 2.91 34.13 -2.08
N SER B 207 2.89 32.99 -1.38
CA SER B 207 4.11 32.24 -1.17
C SER B 207 4.69 31.74 -2.49
N LEU B 208 3.82 31.25 -3.38
CA LEU B 208 4.30 30.76 -4.66
C LEU B 208 4.93 31.89 -5.47
N THR B 209 4.34 33.09 -5.42
CA THR B 209 4.91 34.22 -6.15
C THR B 209 6.32 34.54 -5.68
N ALA B 210 6.55 34.51 -4.37
CA ALA B 210 7.87 34.78 -3.84
C ALA B 210 8.89 33.75 -4.32
N MET B 211 8.51 32.48 -4.31
CA MET B 211 9.44 31.42 -4.71
C MET B 211 9.80 31.51 -6.19
N THR B 212 8.87 31.98 -7.03
CA THR B 212 9.13 32.04 -8.45
C THR B 212 10.30 32.95 -8.77
N ASN B 213 10.27 34.19 -8.27
CA ASN B 213 11.36 35.13 -8.55
C ASN B 213 12.60 34.78 -7.73
N LEU B 214 12.40 34.20 -6.55
CA LEU B 214 13.54 33.83 -5.70
C LEU B 214 14.41 32.78 -6.38
N VAL B 215 13.80 31.78 -7.02
CA VAL B 215 14.57 30.82 -7.79
C VAL B 215 15.17 31.50 -9.02
N ASN B 216 14.42 32.41 -9.63
CA ASN B 216 14.94 33.15 -10.78
C ASN B 216 16.16 33.97 -10.40
N SER B 217 16.32 34.29 -9.11
CA SER B 217 17.53 34.97 -8.66
C SER B 217 18.75 34.11 -8.93
N LEU B 218 18.64 32.80 -8.72
CA LEU B 218 19.77 31.90 -8.95
C LEU B 218 20.00 31.70 -10.45
N VAL B 219 21.15 31.15 -10.78
CA VAL B 219 21.56 30.91 -12.16
C VAL B 219 20.63 29.86 -12.79
N PRO B 220 20.39 29.91 -14.10
CA PRO B 220 19.44 28.96 -14.70
C PRO B 220 19.83 27.50 -14.53
N GLY B 221 21.11 27.21 -14.41
CA GLY B 221 21.52 25.82 -14.24
C GLY B 221 21.00 25.21 -12.96
N GLU B 222 20.97 26.00 -11.88
CA GLU B 222 20.61 25.49 -10.56
C GLU B 222 19.15 25.72 -10.18
N ARG B 223 18.32 26.19 -11.12
CA ARG B 223 16.93 26.46 -10.81
C ARG B 223 16.18 25.17 -10.50
N THR B 224 15.22 25.28 -9.56
CA THR B 224 14.25 24.23 -9.30
C THR B 224 12.86 24.85 -9.25
N ARG B 225 11.88 24.09 -9.71
CA ARG B 225 10.54 24.63 -9.86
C ARG B 225 9.98 25.03 -8.49
N PRO B 226 9.32 26.19 -8.39
CA PRO B 226 8.89 26.66 -7.07
C PRO B 226 7.84 25.76 -6.45
N VAL B 227 7.90 25.63 -5.14
CA VAL B 227 6.86 24.97 -4.35
C VAL B 227 6.42 25.94 -3.27
N GLY B 228 5.17 26.36 -3.33
CA GLY B 228 4.71 27.41 -2.46
C GLY B 228 3.61 27.01 -1.51
N LEU B 229 3.64 27.55 -0.30
CA LEU B 229 2.56 27.34 0.65
C LEU B 229 1.29 27.98 0.13
N TYR B 230 0.19 27.28 0.22
CA TYR B 230 -1.13 27.79 -0.14
C TYR B 230 -2.09 27.48 1.00
N VAL B 231 -2.77 28.50 1.50
CA VAL B 231 -3.74 28.36 2.58
C VAL B 231 -5.06 28.99 2.13
N ASP B 232 -6.11 28.18 2.07
CA ASP B 232 -7.39 28.62 1.57
C ASP B 232 -8.30 29.15 2.68
N ILE B 233 -7.90 29.02 3.93
CA ILE B 233 -8.81 29.39 5.02
C ILE B 233 -8.92 30.90 5.11
N PRO B 234 -10.07 31.45 5.46
CA PRO B 234 -10.16 32.90 5.72
C PRO B 234 -9.38 33.28 6.96
N GLY B 235 -8.84 34.49 6.96
CA GLY B 235 -8.18 35.03 8.14
C GLY B 235 -6.73 34.64 8.31
N VAL B 236 -6.09 34.05 7.31
CA VAL B 236 -4.70 33.65 7.39
C VAL B 236 -3.90 34.42 6.35
N THR B 237 -2.72 34.88 6.73
CA THR B 237 -1.80 35.57 5.83
C THR B 237 -0.49 34.81 5.81
N VAL B 238 -0.05 34.42 4.58
CA VAL B 238 1.21 33.68 4.43
C VAL B 238 2.35 34.66 4.23
N THR B 239 3.39 34.59 5.09
CA THR B 239 4.56 35.44 5.00
C THR B 239 5.78 34.58 4.67
N THR B 240 6.45 34.92 3.58
CA THR B 240 7.69 34.26 3.21
C THR B 240 8.87 34.93 3.90
N SER B 241 10.07 34.59 3.43
CA SER B 241 11.30 35.19 3.92
C SER B 241 12.25 35.39 2.75
N ALA B 242 13.23 36.27 2.96
CA ALA B 242 14.25 36.49 1.94
C ALA B 242 15.16 35.27 1.84
N SER B 243 15.91 35.21 0.73
CA SER B 243 16.83 34.10 0.52
C SER B 243 17.93 34.12 1.58
N SER B 244 17.84 33.19 2.53
CA SER B 244 18.82 33.18 3.62
C SER B 244 20.17 32.65 3.16
N GLY B 245 20.17 31.58 2.37
CA GLY B 245 21.40 30.92 2.00
C GLY B 245 21.89 29.91 3.02
N SER B 246 21.24 29.81 4.18
CA SER B 246 21.56 28.84 5.20
C SER B 246 20.27 28.25 5.72
N LEU B 247 20.36 27.03 6.26
CA LEU B 247 19.17 26.31 6.68
C LEU B 247 18.46 27.05 7.81
N PRO B 248 17.16 27.31 7.71
CA PRO B 248 16.47 28.05 8.78
C PRO B 248 16.38 27.27 10.08
N LEU B 249 15.87 26.04 10.04
CA LEU B 249 15.66 25.23 11.22
C LEU B 249 16.52 23.98 11.16
N THR B 250 17.23 23.68 12.24
CA THR B 250 18.06 22.50 12.33
C THR B 250 17.47 21.42 13.24
N THR B 251 16.82 21.81 14.33
CA THR B 251 16.20 20.87 15.24
C THR B 251 15.03 21.52 15.96
N ILE B 252 14.15 20.69 16.49
CA ILE B 252 12.93 21.12 17.16
C ILE B 252 13.00 20.68 18.62
N PRO B 253 12.81 21.57 19.58
CA PRO B 253 12.85 21.16 20.98
C PRO B 253 11.71 20.21 21.34
N ALA B 254 11.98 19.33 22.31
CA ALA B 254 10.99 18.34 22.72
C ALA B 254 9.79 18.99 23.39
N VAL B 255 10.01 20.06 24.15
CA VAL B 255 8.93 20.69 24.89
C VAL B 255 7.95 21.39 23.93
N THR B 256 8.39 21.67 22.71
CA THR B 256 7.54 22.36 21.75
C THR B 256 6.42 21.45 21.29
N PRO B 257 5.16 21.87 21.38
CA PRO B 257 4.06 21.05 20.88
C PRO B 257 4.16 20.85 19.37
N LEU B 258 3.70 19.71 18.91
CA LEU B 258 3.84 19.30 17.51
C LEU B 258 2.51 18.78 16.97
N ILE B 259 2.21 19.09 15.72
CA ILE B 259 1.04 18.57 15.03
C ILE B 259 1.43 17.77 13.80
N PHE B 260 2.12 18.39 12.85
CA PHE B 260 2.61 17.71 11.67
C PHE B 260 4.03 18.17 11.39
N SER B 261 4.91 17.23 11.05
CA SER B 261 6.32 17.51 10.81
C SER B 261 6.89 16.43 9.92
N ALA B 262 7.42 16.83 8.78
CA ALA B 262 8.03 15.90 7.84
C ALA B 262 9.07 16.64 7.01
N TYR B 263 10.26 16.08 6.91
CA TYR B 263 11.36 16.67 6.14
C TYR B 263 11.97 15.60 5.26
N THR B 264 12.32 15.97 4.04
CA THR B 264 12.99 15.07 3.10
C THR B 264 14.42 15.52 2.92
N LYS B 265 15.35 14.57 2.96
CA LYS B 265 16.77 14.90 2.88
C LYS B 265 17.10 15.60 1.57
N GLN B 266 16.54 15.13 0.47
CA GLN B 266 16.69 15.77 -0.83
C GLN B 266 15.46 16.62 -1.11
N VAL B 267 15.63 17.69 -1.89
CA VAL B 267 14.52 18.56 -2.19
C VAL B 267 13.68 18.04 -3.35
N GLU B 268 14.25 17.18 -4.19
CA GLU B 268 13.55 16.78 -5.41
C GLU B 268 12.27 16.03 -5.09
N GLU B 269 12.25 15.29 -3.99
CA GLU B 269 11.04 14.59 -3.56
C GLU B 269 10.26 15.45 -2.57
N VAL B 270 10.07 16.72 -2.95
CA VAL B 270 9.30 17.64 -2.12
C VAL B 270 7.82 17.28 -2.14
N GLY B 271 7.32 16.90 -3.31
CA GLY B 271 5.90 16.62 -3.44
C GLY B 271 5.45 15.47 -2.56
N VAL B 272 6.40 14.59 -2.20
CA VAL B 272 6.09 13.49 -1.30
C VAL B 272 5.52 14.03 0.01
N ILE B 273 6.01 15.19 0.46
CA ILE B 273 5.51 15.79 1.68
C ILE B 273 4.02 16.10 1.54
N ASN B 274 3.64 16.73 0.43
CA ASN B 274 2.23 17.07 0.24
C ASN B 274 1.37 15.84 0.20
N THR B 275 1.85 14.77 -0.45
CA THR B 275 1.09 13.53 -0.50
C THR B 275 0.83 13.00 0.91
N LEU B 276 1.86 13.01 1.75
CA LEU B 276 1.67 12.53 3.11
C LEU B 276 0.65 13.39 3.86
N TYR B 277 0.72 14.70 3.67
CA TYR B 277 -0.29 15.57 4.26
C TYR B 277 -1.67 15.26 3.71
N ALA B 278 -1.77 15.07 2.39
CA ALA B 278 -3.07 14.80 1.79
C ALA B 278 -3.67 13.52 2.35
N LEU B 279 -2.87 12.46 2.43
CA LEU B 279 -3.40 11.19 2.89
C LEU B 279 -3.72 11.22 4.37
N SER B 280 -2.99 12.02 5.14
CA SER B 280 -3.05 11.91 6.60
C SER B 280 -4.42 12.27 7.14
N TYR B 281 -5.04 13.34 6.63
CA TYR B 281 -6.29 13.86 7.16
C TYR B 281 -7.37 13.78 6.10
N LEU B 282 -8.46 13.14 6.43
CA LEU B 282 -9.60 13.09 5.52
C LEU B 282 -10.28 14.45 5.48
N PRO B 283 -10.70 14.93 4.31
CA PRO B 283 -11.37 16.23 4.21
C PRO B 283 -12.75 16.22 4.86
N GLU C 4 -48.48 -2.48 -31.99
CA GLU C 4 -47.54 -3.60 -31.90
C GLU C 4 -46.11 -3.14 -32.08
N THR C 5 -45.85 -2.29 -33.07
CA THR C 5 -44.50 -1.79 -33.28
C THR C 5 -44.07 -0.88 -32.13
N GLU C 6 -45.01 -0.11 -31.58
CA GLU C 6 -44.70 0.76 -30.45
C GLU C 6 -44.19 -0.04 -29.27
N LEU C 7 -44.80 -1.20 -29.00
CA LEU C 7 -44.35 -2.03 -27.88
C LEU C 7 -42.89 -2.43 -28.04
N ARG C 8 -42.52 -2.95 -29.21
CA ARG C 8 -41.12 -3.29 -29.45
C ARG C 8 -40.24 -2.05 -29.41
N ALA C 9 -40.72 -0.94 -30.00
CA ALA C 9 -39.93 0.28 -30.01
C ALA C 9 -39.72 0.82 -28.61
N LEU C 10 -40.77 0.86 -27.79
CA LEU C 10 -40.63 1.44 -26.46
C LEU C 10 -39.83 0.52 -25.53
N LYS C 11 -39.74 -0.77 -25.87
CA LYS C 11 -38.93 -1.67 -25.07
C LYS C 11 -37.45 -1.29 -25.12
N LYS C 12 -36.97 -0.90 -26.31
CA LYS C 12 -35.58 -0.47 -26.44
C LYS C 12 -35.30 0.74 -25.56
N LEU C 13 -36.27 1.66 -25.47
CA LEU C 13 -36.10 2.82 -24.59
C LEU C 13 -35.88 2.38 -23.16
N SER C 14 -36.47 1.24 -22.78
CA SER C 14 -36.22 0.70 -21.44
C SER C 14 -34.81 0.14 -21.34
N THR C 15 -34.39 -0.65 -22.32
CA THR C 15 -33.14 -1.40 -22.18
C THR C 15 -31.92 -0.51 -22.36
N THR C 16 -32.00 0.47 -23.28
CA THR C 16 -30.85 1.27 -23.65
C THR C 16 -31.12 2.72 -23.30
N THR C 17 -30.09 3.40 -22.77
CA THR C 17 -30.25 4.80 -22.39
C THR C 17 -30.25 5.72 -23.60
N SER C 18 -29.57 5.32 -24.66
CA SER C 18 -29.37 6.13 -25.86
C SER C 18 -28.58 7.40 -25.57
N ARG C 19 -27.81 7.42 -24.48
CA ARG C 19 -27.01 8.57 -24.09
C ARG C 19 -25.53 8.20 -24.10
N VAL C 20 -24.73 8.99 -24.81
CA VAL C 20 -23.30 8.71 -24.90
C VAL C 20 -22.62 9.11 -23.59
N VAL C 21 -21.53 8.42 -23.27
CA VAL C 21 -20.78 8.73 -22.06
C VAL C 21 -20.13 10.10 -22.17
N GLY C 22 -19.78 10.68 -21.03
CA GLY C 22 -19.12 11.96 -21.02
C GLY C 22 -19.19 12.58 -19.64
N ASP C 23 -18.75 13.85 -19.57
CA ASP C 23 -18.81 14.57 -18.32
C ASP C 23 -20.25 14.77 -17.86
N SER C 24 -21.19 14.78 -18.80
CA SER C 24 -22.60 14.84 -18.43
C SER C 24 -22.99 13.63 -17.59
N THR C 25 -22.49 12.45 -17.96
CA THR C 25 -22.78 11.26 -17.19
C THR C 25 -22.28 11.39 -15.76
N LEU C 26 -21.19 12.13 -15.57
CA LEU C 26 -20.72 12.39 -14.22
C LEU C 26 -21.71 13.24 -13.45
N ALA C 27 -22.39 14.15 -14.14
CA ALA C 27 -23.31 15.09 -13.50
C ALA C 27 -24.77 14.69 -13.62
N LEU C 28 -25.06 13.47 -14.07
CA LEU C 28 -26.43 13.02 -14.17
C LEU C 28 -27.06 12.91 -12.78
N PRO C 29 -28.37 13.18 -12.68
CA PRO C 29 -29.02 13.11 -11.37
C PRO C 29 -28.97 11.71 -10.78
N SER C 30 -28.88 11.66 -9.45
CA SER C 30 -28.75 10.39 -8.75
C SER C 30 -29.96 9.50 -8.97
N ASN C 31 -31.15 10.09 -9.00
CA ASN C 31 -32.36 9.30 -9.21
C ASN C 31 -32.41 8.72 -10.62
N VAL C 32 -31.69 9.34 -11.57
CA VAL C 32 -31.76 8.90 -12.95
C VAL C 32 -31.03 7.58 -13.13
N LYS C 33 -31.68 6.64 -13.81
CA LYS C 33 -31.05 5.36 -14.10
C LYS C 33 -29.97 5.53 -15.16
N LEU C 34 -29.05 4.56 -15.20
CA LEU C 34 -27.87 4.64 -16.04
C LEU C 34 -27.57 3.29 -16.68
N SER C 35 -26.82 3.33 -17.78
CA SER C 35 -26.40 2.12 -18.48
C SER C 35 -24.99 1.71 -18.08
N LYS C 36 -24.46 0.73 -18.79
CA LYS C 36 -23.14 0.20 -18.47
C LYS C 36 -22.06 1.25 -18.66
N GLY C 37 -22.17 2.07 -19.69
CA GLY C 37 -21.15 3.08 -19.95
C GLY C 37 -20.93 4.01 -18.77
N GLU C 38 -22.01 4.40 -18.10
CA GLU C 38 -21.87 5.25 -16.91
C GLU C 38 -21.19 4.48 -15.79
N VAL C 39 -21.66 3.28 -15.48
CA VAL C 39 -21.04 2.48 -14.44
C VAL C 39 -19.61 2.12 -14.84
N GLU C 40 -19.38 1.96 -16.13
CA GLU C 40 -18.01 1.85 -16.62
C GLU C 40 -17.17 3.06 -16.17
N LYS C 41 -17.79 4.24 -16.14
CA LYS C 41 -17.06 5.43 -15.76
C LYS C 41 -17.18 5.71 -14.26
N ILE C 42 -18.39 5.66 -13.72
CA ILE C 42 -18.63 6.18 -12.38
C ILE C 42 -17.83 5.39 -11.33
N ALA C 43 -17.85 4.07 -11.41
CA ALA C 43 -17.21 3.24 -10.42
C ALA C 43 -15.93 2.64 -10.97
N VAL C 44 -14.91 2.55 -10.11
CA VAL C 44 -13.68 1.88 -10.49
C VAL C 44 -13.96 0.40 -10.70
N THR C 45 -13.64 -0.09 -11.89
CA THR C 45 -14.06 -1.41 -12.32
C THR C 45 -13.15 -2.49 -11.75
N LYS C 46 -13.68 -3.72 -11.71
CA LYS C 46 -12.83 -4.86 -11.42
C LYS C 46 -11.79 -5.06 -12.51
N LYS C 47 -12.08 -4.57 -13.72
CA LYS C 47 -11.11 -4.63 -14.80
C LYS C 47 -9.86 -3.81 -14.47
N GLU C 48 -10.05 -2.61 -13.91
CA GLU C 48 -8.91 -1.75 -13.62
C GLU C 48 -7.98 -2.39 -12.58
N MET C 49 -8.53 -2.98 -11.53
CA MET C 49 -7.69 -3.69 -10.58
C MET C 49 -6.97 -4.85 -11.23
N PHE C 50 -7.64 -5.53 -12.16
CA PHE C 50 -6.98 -6.54 -12.97
C PHE C 50 -5.94 -5.90 -13.88
N ASP C 51 -6.14 -4.64 -14.26
CA ASP C 51 -5.24 -4.00 -15.21
C ASP C 51 -3.89 -3.68 -14.59
N GLU C 52 -3.84 -3.58 -13.26
CA GLU C 52 -2.57 -3.23 -12.61
C GLU C 52 -1.50 -4.27 -12.91
N LEU C 53 -1.84 -5.55 -12.82
CA LEU C 53 -0.90 -6.61 -13.13
C LEU C 53 -1.04 -7.12 -14.56
N ALA C 54 -1.92 -6.52 -15.35
CA ALA C 54 -2.08 -6.93 -16.73
C ALA C 54 -0.85 -6.58 -17.55
N GLN C 55 -0.43 -7.51 -18.40
CA GLN C 55 0.80 -7.36 -19.18
C GLN C 55 0.67 -8.15 -20.47
N CYS C 56 1.29 -7.64 -21.53
CA CYS C 56 1.27 -8.25 -22.87
C CYS C 56 -0.14 -8.54 -23.35
N ASN C 57 -1.12 -7.85 -22.76
CA ASN C 57 -2.54 -8.03 -23.10
C ASN C 57 -2.97 -9.48 -22.91
N LEU C 58 -2.34 -10.14 -21.95
CA LEU C 58 -2.68 -11.52 -21.66
C LEU C 58 -4.08 -11.61 -21.06
N PRO C 59 -4.84 -12.65 -21.41
CA PRO C 59 -6.17 -12.81 -20.81
C PRO C 59 -6.15 -12.94 -19.30
N THR C 60 -5.05 -13.40 -18.72
CA THR C 60 -4.94 -13.53 -17.27
C THR C 60 -3.55 -13.07 -16.81
N ILE C 61 -3.45 -12.75 -15.52
CA ILE C 61 -2.19 -12.26 -14.97
C ILE C 61 -1.21 -13.41 -14.84
N GLU C 62 0.04 -13.06 -14.59
CA GLU C 62 1.11 -14.06 -14.49
C GLU C 62 0.88 -14.99 -13.31
N LEU C 63 1.29 -16.25 -13.46
CA LEU C 63 1.08 -17.23 -12.41
C LEU C 63 1.90 -16.90 -11.17
N ILE C 64 3.20 -16.65 -11.32
CA ILE C 64 4.04 -16.43 -10.15
C ILE C 64 3.65 -15.16 -9.43
N THR C 65 3.25 -14.13 -10.17
CA THR C 65 2.77 -12.90 -9.55
C THR C 65 1.47 -13.15 -8.80
N ARG C 66 0.58 -13.95 -9.38
CA ARG C 66 -0.72 -14.16 -8.73
C ARG C 66 -0.58 -15.07 -7.52
N GLU C 67 0.54 -15.78 -7.39
CA GLU C 67 0.68 -16.70 -6.26
C GLU C 67 0.80 -15.95 -4.94
N HIS C 68 1.67 -14.94 -4.89
CA HIS C 68 1.93 -14.24 -3.64
C HIS C 68 1.21 -12.91 -3.53
N THR C 69 0.28 -12.61 -4.44
CA THR C 69 -0.53 -11.40 -4.37
C THR C 69 -1.99 -11.70 -4.07
N PHE C 70 -2.27 -12.79 -3.36
CA PHE C 70 -3.62 -13.20 -3.03
C PHE C 70 -4.49 -13.30 -4.29
N ASN C 71 -3.92 -13.84 -5.35
CA ASN C 71 -4.61 -14.02 -6.62
C ASN C 71 -5.20 -12.71 -7.13
N GLY C 72 -4.41 -11.64 -7.03
CA GLY C 72 -4.75 -10.38 -7.64
C GLY C 72 -5.44 -9.36 -6.75
N ASP C 73 -5.67 -9.68 -5.48
CA ASP C 73 -6.27 -8.71 -4.56
C ASP C 73 -5.21 -7.68 -4.22
N VAL C 74 -5.00 -6.74 -5.13
CA VAL C 74 -3.86 -5.84 -5.04
C VAL C 74 -3.91 -5.03 -3.75
N ILE C 75 -5.07 -4.45 -3.45
CA ILE C 75 -5.18 -3.60 -2.27
C ILE C 75 -4.99 -4.43 -1.01
N ARG C 76 -5.49 -5.66 -1.01
CA ARG C 76 -5.19 -6.58 0.08
C ARG C 76 -3.69 -6.82 0.17
N PHE C 77 -3.04 -6.99 -0.98
CA PHE C 77 -1.60 -7.22 -0.98
C PHE C 77 -0.84 -5.99 -0.54
N ALA C 78 -1.33 -4.79 -0.90
CA ALA C 78 -0.58 -3.57 -0.62
C ALA C 78 -0.38 -3.36 0.87
N ALA C 79 -1.48 -3.18 1.60
CA ALA C 79 -1.37 -2.85 3.02
C ALA C 79 -0.72 -4.00 3.79
N TRP C 80 -1.01 -5.24 3.41
CA TRP C 80 -0.45 -6.38 4.12
C TRP C 80 1.06 -6.42 3.99
N LEU C 81 1.60 -5.91 2.88
CA LEU C 81 3.01 -6.06 2.61
C LEU C 81 3.86 -5.32 3.63
N PHE C 82 3.57 -4.04 3.85
CA PHE C 82 4.40 -3.27 4.77
C PHE C 82 4.28 -3.78 6.20
N LEU C 83 3.07 -4.10 6.63
CA LEU C 83 2.89 -4.59 8.00
C LEU C 83 3.59 -5.92 8.20
N MET C 84 3.66 -6.73 7.14
CA MET C 84 4.30 -8.04 7.27
C MET C 84 5.76 -7.91 7.64
N ASN C 85 6.47 -6.98 6.99
CA ASN C 85 7.88 -6.80 7.24
C ASN C 85 8.31 -5.41 6.84
N GLY C 86 9.37 -4.92 7.47
CA GLY C 86 9.91 -3.61 7.16
C GLY C 86 9.48 -2.51 8.11
N GLN C 87 8.40 -2.70 8.86
CA GLN C 87 7.98 -1.69 9.81
C GLN C 87 8.88 -1.72 11.04
N LYS C 88 9.12 -0.56 11.62
CA LYS C 88 9.80 -0.49 12.91
C LYS C 88 8.87 -0.98 14.01
N LEU C 89 9.43 -1.12 15.21
CA LEU C 89 8.70 -1.63 16.38
C LEU C 89 8.19 -3.05 16.15
N MET C 90 8.89 -3.82 15.33
CA MET C 90 8.63 -5.24 15.14
C MET C 90 9.91 -6.01 15.34
N ILE C 91 9.92 -6.91 16.33
CA ILE C 91 11.13 -7.64 16.66
C ILE C 91 11.40 -8.68 15.58
N ALA C 92 12.64 -8.68 15.07
CA ALA C 92 13.09 -9.59 14.02
C ALA C 92 12.12 -9.44 12.84
N ASN C 93 11.56 -10.51 12.31
CA ASN C 93 10.62 -10.45 11.21
C ASN C 93 9.34 -11.13 11.61
N ASN C 94 8.21 -10.48 11.39
CA ASN C 94 6.93 -11.12 11.56
C ASN C 94 6.80 -12.27 10.56
N VAL C 95 6.25 -13.38 11.00
CA VAL C 95 6.14 -14.56 10.16
C VAL C 95 4.67 -14.90 9.99
N ALA C 96 4.22 -14.88 8.73
CA ALA C 96 2.86 -15.29 8.37
C ALA C 96 2.95 -16.17 7.14
N VAL C 97 2.35 -17.36 7.22
CA VAL C 97 2.39 -18.32 6.12
C VAL C 97 1.11 -18.13 5.31
N ARG C 98 1.26 -17.53 4.13
CA ARG C 98 0.12 -17.36 3.24
C ARG C 98 -0.20 -18.67 2.54
N MET C 99 -1.48 -18.90 2.32
CA MET C 99 -1.92 -20.14 1.69
C MET C 99 -1.62 -20.12 0.19
N GLY C 100 -1.55 -21.30 -0.40
CA GLY C 100 -1.27 -21.43 -1.82
C GLY C 100 0.10 -20.90 -2.21
N MET C 101 1.11 -21.19 -1.40
CA MET C 101 2.44 -20.61 -1.56
C MET C 101 3.48 -21.71 -1.58
N GLN C 102 4.63 -21.43 -2.20
CA GLN C 102 5.73 -22.40 -2.19
C GLN C 102 6.65 -22.18 -0.99
N TYR C 103 7.04 -20.93 -0.74
CA TYR C 103 7.99 -20.62 0.32
C TYR C 103 7.43 -19.51 1.19
N ALA C 104 7.87 -19.48 2.45
CA ALA C 104 7.55 -18.41 3.38
C ALA C 104 8.76 -18.11 4.24
N THR C 105 8.95 -16.84 4.57
CA THR C 105 10.13 -16.43 5.33
C THR C 105 10.04 -16.94 6.76
N ASN C 106 11.20 -17.23 7.34
CA ASN C 106 11.29 -17.59 8.75
C ASN C 106 11.52 -16.35 9.58
N LEU C 107 11.75 -16.53 10.88
CA LEU C 107 12.03 -15.38 11.74
C LEU C 107 13.32 -14.68 11.33
N ALA C 108 14.35 -15.45 11.01
CA ALA C 108 15.63 -14.86 10.64
C ALA C 108 15.54 -14.16 9.28
N GLY C 109 14.64 -14.62 8.42
CA GLY C 109 14.45 -14.02 7.12
C GLY C 109 14.75 -14.92 5.94
N ASN C 110 15.17 -16.16 6.17
CA ASN C 110 15.41 -17.07 5.06
C ASN C 110 14.16 -17.87 4.75
N ASN C 111 13.72 -17.81 3.49
CA ASN C 111 12.50 -18.48 3.08
C ASN C 111 12.72 -19.98 2.95
N VAL C 112 11.75 -20.76 3.40
CA VAL C 112 11.88 -22.21 3.50
C VAL C 112 10.67 -22.87 2.88
N LYS C 113 10.80 -24.16 2.56
CA LYS C 113 9.69 -24.95 2.05
C LYS C 113 8.59 -25.05 3.09
N ILE C 114 7.35 -25.08 2.63
CA ILE C 114 6.19 -25.13 3.50
C ILE C 114 5.57 -26.51 3.42
N THR C 115 5.35 -27.14 4.57
CA THR C 115 4.67 -28.43 4.64
C THR C 115 3.16 -28.16 4.71
N TYR C 116 2.49 -28.25 3.58
CA TYR C 116 1.06 -27.98 3.52
C TYR C 116 0.30 -29.16 4.13
N VAL C 117 -0.40 -28.90 5.22
CA VAL C 117 -1.17 -29.93 5.91
C VAL C 117 -2.53 -30.04 5.22
N THR C 118 -2.81 -31.21 4.67
CA THR C 118 -4.07 -31.48 3.98
C THR C 118 -4.93 -32.37 4.85
N SER C 119 -6.15 -31.91 5.13
CA SER C 119 -7.09 -32.65 5.96
C SER C 119 -8.29 -33.06 5.11
N ASN C 120 -8.68 -34.33 5.23
CA ASN C 120 -9.80 -34.92 4.47
C ASN C 120 -9.77 -34.48 3.00
N ASN C 121 -8.59 -34.60 2.40
CA ASN C 121 -8.30 -34.20 1.02
C ASN C 121 -8.51 -32.71 0.79
N VAL C 122 -8.48 -31.90 1.84
CA VAL C 122 -8.54 -30.44 1.73
C VAL C 122 -7.35 -29.87 2.47
N VAL C 123 -6.62 -28.97 1.81
CA VAL C 123 -5.42 -28.37 2.40
C VAL C 123 -5.89 -27.37 3.45
N LYS C 124 -5.70 -27.70 4.72
CA LYS C 124 -6.15 -26.82 5.78
C LYS C 124 -5.18 -25.66 6.00
N LEU C 125 -3.89 -25.95 6.20
CA LEU C 125 -2.92 -24.91 6.46
C LEU C 125 -1.52 -25.46 6.21
N GLY C 126 -0.54 -24.58 6.35
CA GLY C 126 0.85 -24.96 6.22
C GLY C 126 1.69 -24.31 7.31
N HIS C 127 2.81 -24.96 7.62
CA HIS C 127 3.73 -24.48 8.64
C HIS C 127 5.16 -24.66 8.18
N ILE C 128 6.07 -23.92 8.80
CA ILE C 128 7.49 -23.93 8.43
C ILE C 128 8.34 -23.95 9.69
N ALA C 129 9.62 -24.26 9.50
CA ALA C 129 10.57 -24.23 10.60
C ALA C 129 10.79 -22.79 11.06
N ALA C 130 10.86 -22.61 12.39
CA ALA C 130 10.93 -21.26 12.94
C ALA C 130 12.23 -20.56 12.54
N GLY C 131 13.34 -21.27 12.56
CA GLY C 131 14.63 -20.65 12.35
C GLY C 131 15.12 -19.96 13.60
N VAL C 132 16.32 -19.41 13.51
CA VAL C 132 16.98 -18.80 14.66
C VAL C 132 16.45 -17.37 14.82
N LEU C 133 15.85 -17.10 15.98
CA LEU C 133 15.32 -15.77 16.24
C LEU C 133 16.47 -14.77 16.38
N ALA C 134 16.28 -13.56 15.87
CA ALA C 134 17.34 -12.57 15.91
C ALA C 134 17.61 -12.12 17.35
N ASN C 135 16.58 -11.74 18.08
CA ASN C 135 16.74 -11.14 19.40
C ASN C 135 15.60 -11.58 20.31
N PRO C 136 15.79 -11.52 21.62
CA PRO C 136 14.69 -11.75 22.55
C PRO C 136 13.62 -10.68 22.39
N TYR C 137 12.41 -11.02 22.85
CA TYR C 137 11.22 -10.24 22.52
C TYR C 137 11.08 -9.00 23.42
N SER C 138 12.14 -8.20 23.42
CA SER C 138 12.16 -6.80 23.88
C SER C 138 11.41 -6.67 25.20
N ASN C 139 10.49 -5.72 25.34
CA ASN C 139 9.94 -5.37 26.64
C ASN C 139 8.58 -4.72 26.47
N LYS C 140 7.66 -5.09 27.36
CA LYS C 140 6.37 -4.42 27.51
C LYS C 140 5.64 -4.27 26.18
N GLY C 141 5.48 -5.39 25.48
CA GLY C 141 4.77 -5.40 24.22
C GLY C 141 3.77 -6.55 24.19
N SER C 142 2.97 -6.56 23.12
CA SER C 142 1.97 -7.59 22.92
C SER C 142 2.22 -8.30 21.60
N GLY C 143 1.75 -9.53 21.50
CA GLY C 143 1.98 -10.32 20.31
C GLY C 143 0.99 -11.46 20.19
N LEU C 144 0.87 -11.99 18.98
CA LEU C 144 0.01 -13.12 18.68
C LEU C 144 0.87 -14.24 18.12
N PHE C 145 0.62 -15.47 18.56
CA PHE C 145 1.43 -16.62 18.18
C PHE C 145 0.53 -17.80 17.85
N ILE C 146 0.82 -18.47 16.75
CA ILE C 146 0.11 -19.66 16.32
C ILE C 146 1.12 -20.72 15.94
N THR C 147 0.97 -21.92 16.49
CA THR C 147 1.88 -23.03 16.24
C THR C 147 1.09 -24.28 15.91
N TYR C 148 1.75 -25.22 15.26
CA TYR C 148 1.14 -26.45 14.77
C TYR C 148 1.70 -27.65 15.53
N GLU C 149 0.80 -28.46 16.08
CA GLU C 149 1.18 -29.66 16.83
C GLU C 149 2.16 -29.35 17.95
N TYR C 150 1.91 -28.25 18.66
CA TYR C 150 2.83 -27.81 19.70
C TYR C 150 2.08 -26.90 20.68
N ASN C 151 2.68 -26.73 21.85
CA ASN C 151 2.18 -25.81 22.86
C ASN C 151 3.35 -25.00 23.39
N LEU C 152 3.39 -23.71 23.04
CA LEU C 152 4.56 -22.90 23.36
C LEU C 152 4.75 -22.76 24.86
N ILE C 153 3.67 -22.53 25.60
CA ILE C 153 3.79 -22.41 27.06
C ILE C 153 4.16 -23.76 27.68
N SER C 154 3.62 -24.85 27.15
CA SER C 154 3.82 -26.17 27.71
C SER C 154 4.99 -26.92 27.09
N ASN C 155 5.44 -26.52 25.90
CA ASN C 155 6.55 -27.17 25.21
C ASN C 155 6.29 -28.67 25.04
N LEU C 156 5.05 -29.02 24.73
CA LEU C 156 4.64 -30.40 24.55
C LEU C 156 3.99 -30.58 23.19
N ILE C 157 4.30 -31.68 22.52
CA ILE C 157 3.73 -31.97 21.20
C ILE C 157 2.32 -32.50 21.37
N GLU C 158 1.38 -31.96 20.59
CA GLU C 158 0.03 -32.47 20.51
C GLU C 158 -0.29 -32.76 19.05
N THR C 159 -0.19 -34.03 18.66
CA THR C 159 -0.41 -34.41 17.27
C THR C 159 -1.86 -34.18 16.88
N GLY C 160 -2.06 -33.56 15.72
CA GLY C 160 -3.41 -33.31 15.23
C GLY C 160 -4.16 -32.23 15.99
N LYS C 161 -3.45 -31.32 16.64
CA LYS C 161 -4.05 -30.17 17.29
C LYS C 161 -3.15 -28.96 17.06
N VAL C 162 -3.75 -27.81 16.78
CA VAL C 162 -3.03 -26.57 16.54
C VAL C 162 -3.38 -25.59 17.67
N CYS C 163 -2.35 -25.04 18.30
CA CYS C 163 -2.51 -24.16 19.44
C CYS C 163 -2.20 -22.72 19.05
N VAL C 164 -2.99 -21.79 19.57
CA VAL C 164 -2.80 -20.36 19.35
C VAL C 164 -2.52 -19.71 20.69
N LEU C 165 -1.46 -18.90 20.74
CA LEU C 165 -1.02 -18.26 21.97
C LEU C 165 -1.01 -16.76 21.78
N PHE C 166 -1.46 -16.03 22.80
CA PHE C 166 -1.47 -14.57 22.79
C PHE C 166 -0.79 -14.06 24.05
N ILE C 167 0.14 -13.12 23.89
CA ILE C 167 0.84 -12.51 25.02
C ILE C 167 0.53 -11.03 25.02
N THR C 168 0.70 -10.40 26.18
CA THR C 168 0.40 -8.98 26.32
C THR C 168 1.08 -8.40 27.54
N SER C 169 1.13 -7.07 27.58
CA SER C 169 1.66 -6.31 28.71
C SER C 169 0.58 -5.36 29.18
N LEU C 170 0.07 -5.59 30.39
CA LEU C 170 -1.02 -4.77 30.90
C LEU C 170 -0.59 -3.33 31.10
N SER C 171 0.59 -3.11 31.66
CA SER C 171 1.03 -1.76 31.96
C SER C 171 1.33 -0.98 30.68
N THR C 172 1.13 0.33 30.76
CA THR C 172 1.49 1.20 29.66
C THR C 172 3.01 1.24 29.51
N THR C 173 3.47 1.54 28.30
CA THR C 173 4.91 1.63 28.06
C THR C 173 5.53 2.75 28.89
N ALA C 174 4.82 3.87 29.02
CA ALA C 174 5.33 4.97 29.84
C ALA C 174 5.47 4.56 31.30
N SER C 175 4.50 3.81 31.82
CA SER C 175 4.56 3.37 33.21
C SER C 175 5.69 2.35 33.40
N SER C 176 6.54 2.61 34.39
CA SER C 176 7.67 1.73 34.65
C SER C 176 7.23 0.42 35.30
N THR C 177 6.06 0.42 35.93
CA THR C 177 5.56 -0.78 36.57
C THR C 177 5.34 -1.87 35.52
N ASN C 178 5.50 -3.12 35.93
CA ASN C 178 5.53 -4.25 35.02
C ASN C 178 4.44 -5.25 35.38
N SER C 179 3.57 -5.55 34.42
CA SER C 179 2.50 -6.53 34.58
C SER C 179 2.22 -7.17 33.23
N PHE C 180 2.29 -8.49 33.18
CA PHE C 180 2.17 -9.23 31.92
C PHE C 180 1.24 -10.41 32.11
N ALA C 181 0.40 -10.65 31.11
CA ALA C 181 -0.53 -11.77 31.10
C ALA C 181 -0.55 -12.37 29.70
N TYR C 182 -1.31 -13.46 29.56
CA TYR C 182 -1.35 -14.18 28.30
C TYR C 182 -2.66 -14.95 28.17
N SER C 183 -2.96 -15.37 26.94
CA SER C 183 -4.13 -16.19 26.64
C SER C 183 -3.72 -17.30 25.69
N THR C 184 -4.24 -18.50 25.93
CA THR C 184 -3.88 -19.69 25.16
C THR C 184 -5.13 -20.43 24.74
N CYS C 185 -5.06 -21.13 23.61
CA CYS C 185 -6.13 -22.00 23.16
C CYS C 185 -5.56 -23.16 22.36
N SER C 186 -6.25 -24.30 22.41
CA SER C 186 -5.89 -25.48 21.64
C SER C 186 -7.06 -25.86 20.75
N VAL C 187 -6.83 -25.89 19.44
CA VAL C 187 -7.89 -26.06 18.46
C VAL C 187 -7.56 -27.30 17.63
N PRO C 188 -8.53 -28.17 17.37
CA PRO C 188 -8.28 -29.28 16.43
C PRO C 188 -8.15 -28.78 15.00
N ILE C 189 -7.38 -29.52 14.21
CA ILE C 189 -7.15 -29.13 12.82
C ILE C 189 -8.43 -29.29 12.00
N GLU C 190 -9.29 -30.23 12.41
CA GLU C 190 -10.48 -30.52 11.63
C GLU C 190 -11.42 -29.32 11.59
N ASN C 191 -11.58 -28.62 12.70
CA ASN C 191 -12.46 -27.46 12.80
C ASN C 191 -11.73 -26.16 12.57
N TRP C 192 -10.49 -26.20 12.09
CA TRP C 192 -9.68 -25.00 11.95
C TRP C 192 -10.23 -24.08 10.88
N ASP C 193 -10.25 -22.79 11.17
CA ASP C 193 -10.64 -21.77 10.20
C ASP C 193 -10.03 -20.44 10.63
N PHE C 194 -9.17 -19.88 9.77
CA PHE C 194 -8.40 -18.70 10.15
C PHE C 194 -9.30 -17.53 10.50
N ASN C 195 -10.35 -17.31 9.71
CA ASN C 195 -11.12 -16.08 9.81
C ASN C 195 -11.76 -15.91 11.18
N MET C 196 -12.07 -17.02 11.86
CA MET C 196 -12.86 -16.94 13.07
C MET C 196 -12.13 -16.18 14.18
N ILE C 197 -10.84 -16.42 14.35
CA ILE C 197 -10.12 -15.88 15.50
C ILE C 197 -9.71 -14.44 15.23
N LYS C 198 -9.76 -13.62 16.28
CA LYS C 198 -9.40 -12.20 16.17
C LYS C 198 -9.06 -11.66 17.54
N LEU C 199 -8.42 -10.50 17.56
CA LEU C 199 -8.19 -9.74 18.79
C LEU C 199 -9.20 -8.60 18.84
N THR C 200 -9.97 -8.53 19.92
CA THR C 200 -11.05 -7.57 20.01
C THR C 200 -10.99 -6.79 21.31
N ALA C 201 -11.56 -5.59 21.28
CA ALA C 201 -11.72 -4.77 22.48
C ALA C 201 -13.19 -4.47 22.79
N GLU C 202 -14.11 -4.81 21.90
CA GLU C 202 -15.53 -4.56 22.10
C GLU C 202 -16.33 -5.86 22.23
N THR C 203 -15.99 -6.88 21.45
CA THR C 203 -16.72 -8.13 21.49
C THR C 203 -16.48 -8.85 22.81
N SER C 204 -17.56 -9.33 23.42
CA SER C 204 -17.46 -9.97 24.73
C SER C 204 -16.96 -11.41 24.58
N CYS C 205 -15.99 -11.78 25.40
CA CYS C 205 -15.47 -13.14 25.42
C CYS C 205 -14.82 -13.40 26.77
N ALA C 206 -14.60 -14.69 27.06
CA ALA C 206 -14.07 -15.08 28.35
C ALA C 206 -12.67 -14.51 28.58
N SER C 207 -11.84 -14.52 27.55
CA SER C 207 -10.50 -13.96 27.68
C SER C 207 -10.55 -12.47 27.99
N LEU C 208 -11.43 -11.74 27.30
CA LEU C 208 -11.55 -10.31 27.57
C LEU C 208 -12.04 -10.05 28.99
N THR C 209 -13.00 -10.85 29.46
CA THR C 209 -13.53 -10.65 30.81
C THR C 209 -12.46 -10.83 31.88
N ALA C 210 -11.62 -11.85 31.71
CA ALA C 210 -10.53 -12.05 32.67
C ALA C 210 -9.54 -10.89 32.61
N MET C 211 -9.26 -10.39 31.41
CA MET C 211 -8.21 -9.40 31.26
C MET C 211 -8.66 -8.01 31.71
N THR C 212 -9.93 -7.67 31.48
CA THR C 212 -10.37 -6.31 31.78
C THR C 212 -10.28 -6.00 33.27
N ASN C 213 -10.68 -6.94 34.12
CA ASN C 213 -10.57 -6.72 35.56
C ASN C 213 -9.11 -6.75 35.99
N LEU C 214 -8.27 -7.51 35.29
CA LEU C 214 -6.86 -7.58 35.64
C LEU C 214 -6.19 -6.22 35.50
N VAL C 215 -6.35 -5.56 34.36
CA VAL C 215 -5.78 -4.23 34.19
C VAL C 215 -6.52 -3.23 35.07
N ASN C 216 -7.76 -3.52 35.43
CA ASN C 216 -8.48 -2.68 36.38
C ASN C 216 -7.87 -2.79 37.78
N SER C 217 -7.33 -3.96 38.12
CA SER C 217 -6.64 -4.11 39.40
C SER C 217 -5.45 -3.16 39.48
N LEU C 218 -4.88 -2.80 38.34
CA LEU C 218 -3.78 -1.86 38.32
C LEU C 218 -4.24 -0.48 38.82
N VAL C 219 -3.31 0.29 39.36
CA VAL C 219 -3.61 1.58 39.97
C VAL C 219 -4.05 2.58 38.91
N PRO C 220 -4.75 3.64 39.27
CA PRO C 220 -5.14 4.63 38.26
C PRO C 220 -3.93 5.26 37.61
N GLY C 221 -4.05 5.54 36.31
CA GLY C 221 -2.98 6.09 35.51
C GLY C 221 -2.15 5.04 34.80
N GLU C 222 -2.20 3.79 35.25
CA GLU C 222 -1.46 2.71 34.63
C GLU C 222 -2.32 1.82 33.75
N ARG C 223 -3.64 2.00 33.78
CA ARG C 223 -4.54 1.10 33.07
C ARG C 223 -4.45 1.33 31.57
N THR C 224 -4.63 0.25 30.81
CA THR C 224 -4.61 0.28 29.37
C THR C 224 -5.82 -0.49 28.84
N ARG C 225 -6.25 -0.12 27.64
CA ARG C 225 -7.47 -0.68 27.07
C ARG C 225 -7.35 -2.20 26.95
N PRO C 226 -8.31 -2.95 27.47
CA PRO C 226 -8.20 -4.42 27.44
C PRO C 226 -8.34 -4.94 26.02
N VAL C 227 -7.41 -5.81 25.64
CA VAL C 227 -7.45 -6.49 24.35
C VAL C 227 -7.42 -7.99 24.63
N GLY C 228 -8.51 -8.67 24.32
CA GLY C 228 -8.69 -10.06 24.70
C GLY C 228 -8.84 -10.97 23.49
N LEU C 229 -8.36 -12.20 23.65
CA LEU C 229 -8.55 -13.19 22.60
C LEU C 229 -10.02 -13.55 22.47
N TYR C 230 -10.50 -13.60 21.23
CA TYR C 230 -11.84 -14.08 20.93
C TYR C 230 -11.74 -15.13 19.85
N VAL C 231 -12.33 -16.30 20.09
CA VAL C 231 -12.32 -17.41 19.15
C VAL C 231 -13.75 -17.83 18.90
N ASP C 232 -14.18 -17.78 17.64
CA ASP C 232 -15.53 -18.16 17.25
C ASP C 232 -15.66 -19.64 16.98
N ILE C 233 -14.55 -20.38 16.95
CA ILE C 233 -14.63 -21.79 16.60
C ILE C 233 -15.24 -22.57 17.76
N PRO C 234 -16.23 -23.43 17.52
CA PRO C 234 -16.80 -24.22 18.61
C PRO C 234 -15.79 -25.23 19.15
N GLY C 235 -15.99 -25.63 20.40
CA GLY C 235 -15.04 -26.52 21.06
C GLY C 235 -13.71 -25.87 21.36
N VAL C 236 -13.73 -24.67 21.93
CA VAL C 236 -12.53 -23.90 22.17
C VAL C 236 -12.49 -23.45 23.62
N THR C 237 -11.31 -23.56 24.22
CA THR C 237 -11.09 -23.12 25.59
C THR C 237 -10.00 -22.05 25.60
N VAL C 238 -10.20 -21.02 26.42
CA VAL C 238 -9.26 -19.92 26.57
C VAL C 238 -8.92 -19.77 28.04
N THR C 239 -7.62 -19.63 28.33
CA THR C 239 -7.13 -19.51 29.70
C THR C 239 -6.30 -18.25 29.83
N THR C 240 -6.58 -17.47 30.87
CA THR C 240 -5.82 -16.28 31.21
C THR C 240 -5.32 -16.39 32.65
N SER C 241 -4.00 -16.42 32.82
CA SER C 241 -3.42 -16.55 34.14
C SER C 241 -3.39 -15.20 34.85
N ALA C 242 -2.94 -15.23 36.10
CA ALA C 242 -2.80 -14.00 36.85
C ALA C 242 -1.67 -13.15 36.29
N SER C 243 -1.64 -11.89 36.69
CA SER C 243 -0.60 -10.98 36.24
C SER C 243 0.76 -11.47 36.70
N SER C 244 1.59 -11.93 35.74
CA SER C 244 2.90 -12.45 36.09
C SER C 244 3.85 -11.34 36.55
N GLY C 245 3.79 -10.19 35.89
CA GLY C 245 4.75 -9.13 36.15
C GLY C 245 6.04 -9.25 35.38
N SER C 246 6.24 -10.36 34.68
CA SER C 246 7.40 -10.57 33.84
C SER C 246 6.96 -11.18 32.52
N LEU C 247 7.77 -11.01 31.49
CA LEU C 247 7.36 -11.43 30.16
C LEU C 247 7.28 -12.95 30.09
N PRO C 248 6.13 -13.52 29.73
CA PRO C 248 6.03 -15.00 29.69
C PRO C 248 6.96 -15.65 28.68
N LEU C 249 7.17 -15.01 27.53
CA LEU C 249 7.92 -15.60 26.43
C LEU C 249 8.92 -14.59 25.90
N THR C 250 10.15 -15.04 25.63
CA THR C 250 11.18 -14.21 25.03
C THR C 250 11.69 -14.73 23.70
N THR C 251 11.94 -16.03 23.58
CA THR C 251 12.43 -16.64 22.36
C THR C 251 11.76 -17.99 22.16
N ILE C 252 11.70 -18.43 20.93
CA ILE C 252 11.09 -19.71 20.56
C ILE C 252 12.12 -20.54 19.82
N PRO C 253 12.17 -21.86 20.03
CA PRO C 253 13.17 -22.68 19.35
C PRO C 253 12.93 -22.74 17.84
N ALA C 254 14.02 -22.90 17.10
CA ALA C 254 13.92 -23.04 15.64
C ALA C 254 13.16 -24.30 15.26
N VAL C 255 13.40 -25.40 15.99
CA VAL C 255 12.79 -26.68 15.63
C VAL C 255 11.28 -26.64 15.86
N THR C 256 10.81 -25.69 16.66
CA THR C 256 9.38 -25.60 16.93
C THR C 256 8.65 -25.08 15.71
N PRO C 257 7.66 -25.82 15.20
CA PRO C 257 6.90 -25.33 14.02
C PRO C 257 6.12 -24.07 14.36
N LEU C 258 5.92 -23.23 13.35
CA LEU C 258 5.36 -21.89 13.53
C LEU C 258 4.36 -21.59 12.41
N ILE C 259 3.14 -21.23 12.78
CA ILE C 259 2.16 -20.81 11.78
C ILE C 259 2.12 -19.29 11.66
N PHE C 260 1.73 -18.61 12.73
CA PHE C 260 1.68 -17.15 12.71
C PHE C 260 2.35 -16.62 13.97
N SER C 261 3.17 -15.59 13.78
CA SER C 261 3.93 -15.00 14.87
C SER C 261 4.17 -13.53 14.57
N ALA C 262 3.79 -12.67 15.51
CA ALA C 262 3.99 -11.25 15.37
C ALA C 262 4.04 -10.63 16.76
N TYR C 263 4.89 -9.63 16.94
CA TYR C 263 5.05 -8.99 18.24
C TYR C 263 5.52 -7.56 18.03
N THR C 264 4.93 -6.64 18.78
CA THR C 264 5.29 -5.23 18.73
C THR C 264 5.98 -4.83 20.01
N LYS C 265 7.05 -4.04 19.89
CA LYS C 265 7.81 -3.63 21.07
C LYS C 265 6.93 -2.83 22.03
N GLN C 266 6.13 -1.91 21.50
CA GLN C 266 5.22 -1.12 22.33
C GLN C 266 3.84 -1.75 22.29
N VAL C 267 3.17 -1.78 23.44
CA VAL C 267 1.85 -2.39 23.52
C VAL C 267 0.81 -1.57 22.79
N GLU C 268 1.02 -0.24 22.71
CA GLU C 268 -0.01 0.65 22.20
C GLU C 268 -0.39 0.32 20.77
N GLU C 269 0.51 -0.30 20.02
CA GLU C 269 0.21 -0.73 18.66
C GLU C 269 -0.26 -2.19 18.64
N VAL C 270 -1.25 -2.47 19.49
CA VAL C 270 -1.83 -3.81 19.49
C VAL C 270 -2.63 -4.04 18.21
N GLY C 271 -3.28 -3.00 17.70
CA GLY C 271 -4.18 -3.17 16.58
C GLY C 271 -3.49 -3.72 15.34
N VAL C 272 -2.26 -3.28 15.10
CA VAL C 272 -1.54 -3.74 13.91
C VAL C 272 -1.39 -5.25 13.93
N ILE C 273 -1.31 -5.84 15.13
CA ILE C 273 -1.24 -7.29 15.24
C ILE C 273 -2.50 -7.93 14.69
N ASN C 274 -3.66 -7.44 15.15
CA ASN C 274 -4.92 -7.94 14.61
C ASN C 274 -5.05 -7.58 13.14
N THR C 275 -4.60 -6.38 12.78
CA THR C 275 -4.69 -5.95 11.39
C THR C 275 -3.92 -6.89 10.47
N LEU C 276 -2.70 -7.26 10.87
CA LEU C 276 -1.91 -8.15 10.05
C LEU C 276 -2.57 -9.51 9.90
N TYR C 277 -3.15 -10.03 10.99
CA TYR C 277 -3.86 -11.29 10.91
C TYR C 277 -5.06 -11.20 9.97
N ALA C 278 -5.81 -10.10 10.07
CA ALA C 278 -6.99 -9.96 9.23
C ALA C 278 -6.60 -9.95 7.75
N LEU C 279 -5.56 -9.20 7.42
CA LEU C 279 -5.16 -9.11 6.01
C LEU C 279 -4.59 -10.43 5.53
N SER C 280 -3.88 -11.15 6.40
CA SER C 280 -3.05 -12.26 5.95
C SER C 280 -3.86 -13.36 5.28
N TYR C 281 -5.00 -13.73 5.85
CA TYR C 281 -5.77 -14.87 5.38
C TYR C 281 -7.14 -14.38 4.91
N LEU C 282 -7.48 -14.71 3.67
CA LEU C 282 -8.79 -14.37 3.14
C LEU C 282 -9.85 -15.25 3.81
N PRO C 283 -11.07 -14.73 4.04
CA PRO C 283 -12.15 -15.52 4.65
C PRO C 283 -12.53 -16.73 3.82
#